data_2C64
#
_entry.id   2C64
#
_cell.length_a   140.867
_cell.length_b   221.114
_cell.length_c   86.285
_cell.angle_alpha   90.00
_cell.angle_beta   90.00
_cell.angle_gamma   90.00
#
_symmetry.space_group_name_H-M   'C 2 2 2'
#
loop_
_entity.id
_entity.type
_entity.pdbx_description
1 polymer 'AMINE OXIDASE (FLAVIN-CONTAINING) B'
2 non-polymer 'FLAVIN-ADENINE DINUCLEOTIDE'
3 non-polymer (1R)-6-HYDROXY-N-METHYL-N-[(1Z)-PROP-2-EN-1-YLIDENE]INDAN-1-AMINIUM
4 water water
#
_entity_poly.entity_id   1
_entity_poly.type   'polypeptide(L)'
_entity_poly.pdbx_seq_one_letter_code
;MSNKCDVVVVGGGISGMAAAKLLHDSGLNVVVLEARDRVGGRTYTLRNQKVKYVDLGGSYVGPTQNRILRLAKELGLETY
KVNEVERLIHHVKGKSYPFRGPFPPVWNPITYLDHNNFWRTMDDMGREIPSDAPWKAPLAEEWDNMTMKELLDKLCWTES
AKQLATLFVNLCVTAETHEVSALWFLWYVKQCGGTTRIISTTNGGQERKFVGGSGQVSERIMDLLGDRVKLERPVIYIDQ
TRENVLVETLNHEMYEAKYVISAIPPTLGMKIHFNPPLPMMRNQMITRVPLGSVIKCIVYYKEPFWRKKDYCGTMIIDGE
EAPVAYTLDDTKPEGNYAAIMGFILAHKARKLARLTKEERLKKLCELYAKVLGSLEALEPVHYEEKNWCEEQYSGGCYTT
YFPPGILTQYGRVLRQPVDRIYFAGTETATHWSGYMEGAVEAGERAAREILHAMGKIPEDEIWQSEPESVDVPAQPITTT
FLERHLPSVPGLLRLIGLTTIFSATALGFLAHKRGLLVRV
;
_entity_poly.pdbx_strand_id   A,B
#
loop_
_chem_comp.id
_chem_comp.type
_chem_comp.name
_chem_comp.formula
FAD non-polymer 'FLAVIN-ADENINE DINUCLEOTIDE' 'C27 H33 N9 O15 P2'
MA0 non-polymer (1R)-6-HYDROXY-N-METHYL-N-[(1Z)-PROP-2-EN-1-YLIDENE]INDAN-1-AMINIUM 'C13 H16 N O 1'
#
# COMPACT_ATOMS: atom_id res chain seq x y z
N ASN A 3 20.70 24.38 15.79
CA ASN A 3 19.63 24.29 16.82
C ASN A 3 18.40 25.04 16.37
N LYS A 4 18.49 26.36 16.19
CA LYS A 4 17.31 27.14 15.80
C LYS A 4 17.53 27.76 14.45
N CYS A 5 16.49 27.70 13.62
CA CYS A 5 16.55 28.24 12.28
C CYS A 5 15.12 28.56 11.90
N ASP A 6 14.93 29.05 10.66
CA ASP A 6 13.59 29.38 10.15
C ASP A 6 12.82 28.14 9.65
N VAL A 7 13.47 27.35 8.78
CA VAL A 7 12.87 26.16 8.16
C VAL A 7 13.76 24.90 8.31
N VAL A 8 13.24 23.83 8.89
CA VAL A 8 13.91 22.55 8.72
C VAL A 8 13.35 21.85 7.47
N VAL A 9 14.24 21.45 6.57
CA VAL A 9 13.88 20.66 5.37
C VAL A 9 14.26 19.21 5.61
N VAL A 10 13.28 18.34 5.73
CA VAL A 10 13.57 16.92 5.90
C VAL A 10 13.88 16.25 4.55
N GLY A 11 15.12 15.77 4.41
CA GLY A 11 15.54 15.03 3.23
C GLY A 11 16.33 15.92 2.30
N GLY A 12 17.50 15.47 1.84
CA GLY A 12 18.31 16.27 0.88
C GLY A 12 18.49 15.63 -0.47
N GLY A 13 17.38 15.32 -1.15
CA GLY A 13 17.38 14.91 -2.56
C GLY A 13 17.07 16.15 -3.34
N ILE A 14 16.87 16.04 -4.65
CA ILE A 14 16.74 17.24 -5.48
C ILE A 14 15.70 18.22 -4.95
N SER A 15 14.58 17.69 -4.45
CA SER A 15 13.43 18.48 -3.99
C SER A 15 13.75 19.24 -2.70
N GLY A 16 14.24 18.51 -1.71
CA GLY A 16 14.73 19.09 -0.45
C GLY A 16 15.77 20.17 -0.71
N MET A 17 16.72 19.92 -1.64
CA MET A 17 17.81 20.86 -1.92
C MET A 17 17.33 22.10 -2.66
N ALA A 18 16.48 21.93 -3.68
CA ALA A 18 15.89 23.07 -4.40
C ALA A 18 15.05 23.99 -3.49
N ALA A 19 14.48 23.37 -2.45
CA ALA A 19 13.62 24.02 -1.51
C ALA A 19 14.50 24.87 -0.59
N ALA A 20 15.51 24.21 -0.02
CA ALA A 20 16.54 24.85 0.85
C ALA A 20 17.21 26.00 0.11
N LYS A 21 17.68 25.75 -1.10
CA LYS A 21 18.31 26.80 -1.90
C LYS A 21 17.42 28.04 -2.05
N LEU A 22 16.17 27.85 -2.46
CA LEU A 22 15.26 28.97 -2.65
C LEU A 22 15.08 29.77 -1.36
N LEU A 23 15.06 29.06 -0.22
CA LEU A 23 14.78 29.71 1.04
C LEU A 23 16.01 30.53 1.48
N HIS A 24 17.17 29.89 1.37
CA HIS A 24 18.46 30.52 1.59
C HIS A 24 18.71 31.71 0.67
N ASP A 25 18.39 31.60 -0.61
CA ASP A 25 18.47 32.75 -1.51
C ASP A 25 17.53 33.88 -1.10
N SER A 26 16.59 33.61 -0.22
CA SER A 26 15.69 34.65 0.29
C SER A 26 16.14 35.18 1.66
N GLY A 27 17.32 34.73 2.11
CA GLY A 27 17.88 35.19 3.36
C GLY A 27 17.37 34.48 4.61
N LEU A 28 16.58 33.42 4.46
CA LEU A 28 16.11 32.64 5.60
C LEU A 28 17.14 31.62 6.02
N ASN A 29 17.07 31.22 7.29
CA ASN A 29 18.00 30.23 7.82
C ASN A 29 17.45 28.82 7.73
N VAL A 30 18.05 28.03 6.85
CA VAL A 30 17.61 26.66 6.67
C VAL A 30 18.62 25.65 7.18
N VAL A 31 18.09 24.52 7.66
CA VAL A 31 18.87 23.31 7.91
C VAL A 31 18.23 22.18 7.05
N VAL A 32 19.07 21.44 6.31
CA VAL A 32 18.67 20.21 5.63
C VAL A 32 19.12 19.02 6.47
N LEU A 33 18.14 18.23 6.90
CA LEU A 33 18.41 17.00 7.63
C LEU A 33 18.31 15.82 6.64
N GLU A 34 19.47 15.28 6.23
CA GLU A 34 19.56 14.14 5.34
C GLU A 34 19.90 12.87 6.10
N ALA A 35 19.13 11.79 5.90
CA ALA A 35 19.27 10.58 6.72
C ALA A 35 20.50 9.80 6.34
N ARG A 36 20.89 9.91 5.08
CA ARG A 36 22.01 9.19 4.54
C ARG A 36 23.35 9.98 4.66
N ASP A 37 24.46 9.28 4.42
CA ASP A 37 25.79 9.88 4.42
C ASP A 37 26.14 10.56 3.11
N ARG A 38 25.10 10.87 2.32
CA ARG A 38 25.24 11.57 1.01
C ARG A 38 23.94 12.30 0.67
N VAL A 39 24.04 13.33 -0.17
CA VAL A 39 22.84 13.98 -0.74
C VAL A 39 22.54 13.41 -2.15
N GLY A 40 21.38 13.73 -2.74
CA GLY A 40 20.97 13.15 -4.05
C GLY A 40 19.79 12.17 -4.00
N GLY A 41 19.67 11.39 -2.91
CA GLY A 41 18.57 10.43 -2.75
C GLY A 41 18.42 9.44 -3.89
N ARG A 42 17.39 9.60 -4.70
CA ARG A 42 17.09 8.66 -5.78
C ARG A 42 17.89 8.97 -7.05
N THR A 43 18.69 10.05 -7.00
CA THR A 43 19.83 10.28 -7.95
C THR A 43 21.11 9.92 -7.19
N TYR A 44 22.08 9.36 -7.88
CA TYR A 44 23.26 8.87 -7.21
C TYR A 44 24.30 8.56 -8.25
N THR A 45 25.25 9.49 -8.43
CA THR A 45 26.35 9.31 -9.38
C THR A 45 27.54 8.58 -8.72
N LEU A 46 27.81 7.37 -9.18
CA LEU A 46 29.03 6.66 -8.77
C LEU A 46 30.23 7.16 -9.63
N ARG A 47 31.39 7.32 -8.98
CA ARG A 47 32.66 7.66 -9.65
C ARG A 47 33.72 6.61 -9.35
N ASN A 48 34.34 6.07 -10.39
CA ASN A 48 35.52 5.21 -10.18
C ASN A 48 36.23 5.21 -11.48
N GLN A 49 37.40 4.57 -11.51
CA GLN A 49 38.29 4.62 -12.67
C GLN A 49 37.65 3.99 -13.88
N LYS A 50 36.94 2.88 -13.64
CA LYS A 50 36.37 2.07 -14.69
C LYS A 50 35.25 2.80 -15.44
N VAL A 51 34.45 3.62 -14.73
CA VAL A 51 33.24 4.19 -15.36
C VAL A 51 33.39 5.71 -15.54
N LYS A 52 34.45 6.27 -14.89
CA LYS A 52 34.67 7.71 -14.67
C LYS A 52 33.56 8.20 -13.76
N TYR A 53 32.36 8.35 -14.32
CA TYR A 53 31.14 8.50 -13.55
C TYR A 53 29.99 7.70 -14.20
N VAL A 54 28.98 7.32 -13.38
CA VAL A 54 27.76 6.69 -13.93
C VAL A 54 26.58 6.98 -13.01
N ASP A 55 25.48 7.44 -13.60
CA ASP A 55 24.20 7.64 -12.88
C ASP A 55 23.59 6.24 -12.62
N LEU A 56 23.44 5.91 -11.35
CA LEU A 56 22.81 4.69 -10.93
C LEU A 56 21.35 4.89 -10.45
N GLY A 57 20.93 6.15 -10.42
CA GLY A 57 19.58 6.51 -10.09
C GLY A 57 19.08 7.41 -11.22
N GLY A 58 18.28 8.40 -10.90
CA GLY A 58 17.71 9.24 -11.93
C GLY A 58 18.83 9.83 -12.76
N SER A 59 18.55 10.11 -14.02
CA SER A 59 19.59 10.41 -15.02
C SER A 59 19.11 11.26 -16.18
N TYR A 60 18.01 10.86 -16.82
CA TYR A 60 17.56 11.52 -18.05
C TYR A 60 16.81 12.81 -17.80
N VAL A 61 17.06 13.82 -18.66
CA VAL A 61 16.26 15.04 -18.70
C VAL A 61 15.96 15.36 -20.17
N GLY A 62 14.95 16.20 -20.43
CA GLY A 62 14.61 16.48 -21.80
C GLY A 62 13.68 17.64 -21.89
N PRO A 63 13.20 17.94 -23.12
CA PRO A 63 12.31 19.04 -23.42
C PRO A 63 11.11 19.06 -22.52
N THR A 64 10.69 20.28 -22.21
CA THR A 64 9.61 20.65 -21.28
C THR A 64 10.00 20.51 -19.81
N GLN A 65 11.13 19.92 -19.51
CA GLN A 65 11.57 19.82 -18.14
C GLN A 65 12.44 21.02 -17.78
N ASN A 66 11.84 22.22 -17.84
CA ASN A 66 12.55 23.50 -17.74
C ASN A 66 13.13 23.85 -16.34
N ARG A 67 12.53 23.34 -15.27
CA ARG A 67 13.01 23.71 -13.94
C ARG A 67 14.33 23.03 -13.56
N ILE A 68 14.39 21.69 -13.63
CA ILE A 68 15.66 20.97 -13.50
C ILE A 68 16.75 21.47 -14.47
N LEU A 69 16.38 21.84 -15.68
CA LEU A 69 17.35 22.32 -16.66
C LEU A 69 17.88 23.72 -16.25
N ARG A 70 16.97 24.62 -15.87
CA ARG A 70 17.35 25.96 -15.37
C ARG A 70 18.27 25.91 -14.13
N LEU A 71 17.86 25.11 -13.12
CA LEU A 71 18.57 24.93 -11.87
C LEU A 71 19.95 24.29 -12.07
N ALA A 72 20.03 23.19 -12.79
CA ALA A 72 21.32 22.58 -13.11
C ALA A 72 22.24 23.55 -13.85
N LYS A 73 21.68 24.32 -14.79
CA LYS A 73 22.46 25.32 -15.54
C LYS A 73 23.07 26.40 -14.63
N GLU A 74 22.25 26.96 -13.77
CA GLU A 74 22.73 27.90 -12.77
C GLU A 74 23.84 27.35 -11.90
N LEU A 75 23.82 26.03 -11.62
CA LEU A 75 24.86 25.39 -10.83
C LEU A 75 26.07 25.06 -11.69
N GLY A 76 26.05 25.52 -12.95
CA GLY A 76 27.21 25.34 -13.84
C GLY A 76 27.30 23.98 -14.52
N LEU A 77 26.15 23.33 -14.71
CA LEU A 77 26.07 21.97 -15.31
C LEU A 77 25.67 22.00 -16.79
N GLU A 78 26.08 20.96 -17.49
CA GLU A 78 25.83 20.86 -18.92
C GLU A 78 25.19 19.53 -19.23
N THR A 79 24.37 19.51 -20.29
CA THR A 79 23.76 18.27 -20.78
C THR A 79 24.42 17.87 -22.09
N TYR A 80 24.31 16.60 -22.44
CA TYR A 80 24.58 16.11 -23.79
C TYR A 80 23.45 15.13 -24.18
N LYS A 81 23.33 14.89 -25.49
CA LYS A 81 22.22 14.14 -26.04
C LYS A 81 22.52 12.69 -25.90
N VAL A 82 21.55 11.92 -25.39
CA VAL A 82 21.62 10.46 -25.40
C VAL A 82 21.74 9.96 -26.87
N ASN A 83 22.56 8.95 -27.13
CA ASN A 83 22.68 8.47 -28.53
C ASN A 83 21.42 7.85 -29.17
N GLU A 84 20.95 8.47 -30.26
CA GLU A 84 19.79 7.97 -31.03
C GLU A 84 19.96 8.22 -32.56
N VAL A 85 21.19 8.12 -33.05
CA VAL A 85 21.52 8.48 -34.44
C VAL A 85 21.13 7.33 -35.36
N GLU A 86 21.48 6.12 -34.94
CA GLU A 86 21.24 4.89 -35.68
C GLU A 86 19.88 4.25 -35.26
N ARG A 87 19.65 3.02 -35.71
CA ARG A 87 18.32 2.43 -35.63
C ARG A 87 18.02 1.94 -34.22
N LEU A 88 16.76 2.07 -33.82
CA LEU A 88 16.27 1.40 -32.62
C LEU A 88 15.89 -0.07 -32.93
N ILE A 89 15.82 -0.90 -31.90
CA ILE A 89 15.39 -2.28 -32.05
C ILE A 89 14.15 -2.60 -31.18
N HIS A 90 13.16 -3.26 -31.82
CA HIS A 90 12.06 -3.96 -31.13
C HIS A 90 12.22 -5.45 -31.31
N HIS A 91 12.43 -6.16 -30.20
CA HIS A 91 12.60 -7.59 -30.17
C HIS A 91 11.31 -8.24 -29.66
N VAL A 92 10.64 -8.98 -30.54
CA VAL A 92 9.33 -9.54 -30.27
C VAL A 92 9.34 -11.00 -30.78
N LYS A 93 8.92 -11.94 -29.94
CA LYS A 93 8.86 -13.34 -30.28
C LYS A 93 10.22 -13.84 -30.78
N GLY A 94 11.28 -13.43 -30.08
CA GLY A 94 12.65 -13.83 -30.35
C GLY A 94 13.34 -13.34 -31.59
N LYS A 95 12.83 -12.30 -32.24
CA LYS A 95 13.46 -11.72 -33.44
C LYS A 95 13.62 -10.22 -33.22
N SER A 96 14.64 -9.59 -33.80
CA SER A 96 14.80 -8.14 -33.73
C SER A 96 14.28 -7.50 -35.00
N TYR A 97 13.59 -6.38 -34.83
CA TYR A 97 13.10 -5.63 -35.97
C TYR A 97 13.59 -4.20 -35.80
N PRO A 98 14.70 -3.82 -36.50
CA PRO A 98 15.22 -2.46 -36.36
C PRO A 98 14.24 -1.44 -36.95
N PHE A 99 14.14 -0.25 -36.34
CA PHE A 99 13.28 0.83 -36.84
C PHE A 99 13.82 2.19 -36.41
N ARG A 100 13.11 3.24 -36.82
CA ARG A 100 13.42 4.65 -36.56
C ARG A 100 12.13 5.33 -36.10
N GLY A 101 12.21 6.41 -35.35
CA GLY A 101 10.99 7.05 -34.83
C GLY A 101 10.61 6.48 -33.47
N PRO A 102 9.90 7.26 -32.65
CA PRO A 102 9.72 6.86 -31.24
C PRO A 102 8.93 5.56 -31.00
N PHE A 103 7.98 5.30 -31.90
CA PHE A 103 7.08 4.16 -31.80
C PHE A 103 7.51 2.96 -32.66
N PRO A 104 7.57 1.78 -32.04
CA PRO A 104 7.80 0.56 -32.81
C PRO A 104 6.65 0.41 -33.81
N PRO A 105 6.99 0.36 -35.12
CA PRO A 105 5.97 0.27 -36.16
C PRO A 105 5.34 -1.13 -36.26
N VAL A 106 4.19 -1.17 -36.91
CA VAL A 106 3.37 -2.37 -36.95
C VAL A 106 2.73 -2.45 -38.34
N TRP A 107 2.87 -3.63 -38.95
CA TRP A 107 2.45 -3.81 -40.34
C TRP A 107 1.02 -4.26 -40.56
N ASN A 108 0.66 -5.38 -39.94
CA ASN A 108 -0.70 -5.93 -39.96
C ASN A 108 -1.79 -4.87 -39.78
N PRO A 109 -2.73 -4.73 -40.73
CA PRO A 109 -3.66 -3.61 -40.56
C PRO A 109 -4.55 -3.71 -39.33
N ILE A 110 -4.96 -4.92 -38.93
CA ILE A 110 -5.81 -5.02 -37.75
C ILE A 110 -5.00 -4.61 -36.50
N THR A 111 -3.79 -5.14 -36.39
CA THR A 111 -2.92 -4.85 -35.28
C THR A 111 -2.58 -3.39 -35.23
N TYR A 112 -2.41 -2.80 -36.42
CA TYR A 112 -2.06 -1.40 -36.56
C TYR A 112 -3.17 -0.51 -35.98
N LEU A 113 -4.41 -0.93 -36.20
CA LEU A 113 -5.58 -0.15 -35.78
C LEU A 113 -5.70 -0.20 -34.26
N ASP A 114 -5.25 -1.29 -33.66
CA ASP A 114 -5.44 -1.56 -32.25
C ASP A 114 -4.36 -0.83 -31.48
N HIS A 115 -3.12 -0.92 -31.98
CA HIS A 115 -2.01 -0.16 -31.45
C HIS A 115 -2.30 1.33 -31.51
N ASN A 116 -2.66 1.82 -32.69
CA ASN A 116 -2.99 3.23 -32.85
C ASN A 116 -4.06 3.67 -31.82
N ASN A 117 -5.15 2.92 -31.74
CA ASN A 117 -6.21 3.30 -30.82
C ASN A 117 -5.78 3.24 -29.35
N PHE A 118 -4.93 2.26 -29.00
CA PHE A 118 -4.44 2.14 -27.63
C PHE A 118 -3.81 3.44 -27.15
N TRP A 119 -2.81 3.92 -27.88
CA TRP A 119 -2.05 5.11 -27.47
C TRP A 119 -2.90 6.36 -27.53
N ARG A 120 -3.63 6.52 -28.61
CA ARG A 120 -4.62 7.58 -28.76
C ARG A 120 -5.57 7.66 -27.53
N THR A 121 -6.16 6.53 -27.16
CA THR A 121 -7.09 6.44 -26.03
C THR A 121 -6.43 6.81 -24.72
N MET A 122 -5.17 6.40 -24.50
CA MET A 122 -4.42 6.85 -23.32
C MET A 122 -4.42 8.37 -23.21
N ASP A 123 -4.11 9.05 -24.32
CA ASP A 123 -4.07 10.50 -24.35
C ASP A 123 -5.49 11.12 -24.26
N ASP A 124 -6.49 10.51 -24.95
CA ASP A 124 -7.91 10.94 -24.85
C ASP A 124 -8.40 10.94 -23.42
N MET A 125 -8.14 9.84 -22.75
CA MET A 125 -8.55 9.63 -21.37
C MET A 125 -7.85 10.65 -20.50
N GLY A 126 -6.56 10.90 -20.80
CA GLY A 126 -5.69 11.82 -20.08
C GLY A 126 -6.26 13.20 -20.04
N ARG A 127 -6.90 13.59 -21.15
CA ARG A 127 -7.37 14.96 -21.36
C ARG A 127 -8.48 15.35 -20.40
N GLU A 128 -9.10 14.35 -19.82
CA GLU A 128 -10.20 14.51 -18.88
C GLU A 128 -9.70 14.61 -17.43
N ILE A 129 -8.36 14.49 -17.27
CA ILE A 129 -7.76 14.38 -15.94
C ILE A 129 -6.96 15.66 -15.61
N PRO A 130 -7.50 16.48 -14.69
CA PRO A 130 -6.76 17.63 -14.24
C PRO A 130 -5.46 17.21 -13.59
N SER A 131 -4.36 17.90 -13.93
CA SER A 131 -3.01 17.54 -13.51
C SER A 131 -2.84 17.76 -12.03
N ASP A 132 -3.48 18.80 -11.55
CA ASP A 132 -3.39 19.20 -10.18
C ASP A 132 -4.49 18.59 -9.30
N ALA A 133 -5.40 17.85 -9.88
CA ALA A 133 -6.53 17.30 -9.11
C ALA A 133 -7.14 16.12 -9.87
N PRO A 134 -6.35 15.03 -10.06
CA PRO A 134 -6.81 13.93 -10.91
C PRO A 134 -8.12 13.32 -10.40
N TRP A 135 -8.35 13.35 -9.09
CA TRP A 135 -9.62 12.90 -8.47
C TRP A 135 -10.83 13.71 -8.96
N LYS A 136 -10.57 14.77 -9.71
CA LYS A 136 -11.71 15.50 -10.29
C LYS A 136 -12.11 15.10 -11.68
N ALA A 137 -11.42 14.13 -12.28
CA ALA A 137 -11.79 13.66 -13.61
C ALA A 137 -13.27 13.28 -13.55
N PRO A 138 -14.06 13.54 -14.61
CA PRO A 138 -15.46 13.17 -14.53
C PRO A 138 -15.72 11.68 -14.16
N LEU A 139 -14.90 10.73 -14.64
CA LEU A 139 -15.07 9.31 -14.36
C LEU A 139 -14.00 8.81 -13.39
N ALA A 140 -13.57 9.69 -12.46
CA ALA A 140 -12.46 9.38 -11.54
C ALA A 140 -12.65 8.06 -10.80
N GLU A 141 -13.80 7.89 -10.16
CA GLU A 141 -14.07 6.68 -9.39
C GLU A 141 -14.01 5.47 -10.24
N GLU A 142 -14.71 5.51 -11.36
CA GLU A 142 -14.75 4.38 -12.25
C GLU A 142 -13.35 3.99 -12.74
N TRP A 143 -12.52 4.97 -13.06
CA TRP A 143 -11.19 4.65 -13.55
C TRP A 143 -10.27 4.28 -12.42
N ASP A 144 -10.59 4.68 -11.18
CA ASP A 144 -9.74 4.41 -10.02
C ASP A 144 -10.00 3.05 -9.41
N ASN A 145 -11.20 2.52 -9.64
CA ASN A 145 -11.60 1.23 -9.10
C ASN A 145 -11.22 0.06 -10.00
N MET A 146 -10.47 0.37 -11.04
CA MET A 146 -9.93 -0.65 -11.94
C MET A 146 -8.41 -0.50 -12.05
N THR A 147 -7.73 -1.64 -12.21
CA THR A 147 -6.25 -1.67 -12.37
C THR A 147 -5.96 -1.43 -13.84
N MET A 148 -4.73 -1.07 -14.16
CA MET A 148 -4.35 -0.95 -15.56
C MET A 148 -4.58 -2.26 -16.32
N LYS A 149 -4.38 -3.41 -15.67
CA LYS A 149 -4.65 -4.69 -16.29
C LYS A 149 -6.09 -4.81 -16.80
N GLU A 150 -7.10 -4.47 -15.96
CA GLU A 150 -8.46 -4.42 -16.45
C GLU A 150 -8.56 -3.48 -17.65
N LEU A 151 -8.03 -2.27 -17.59
CA LEU A 151 -8.16 -1.35 -18.72
C LEU A 151 -7.61 -1.91 -20.04
N LEU A 152 -6.40 -2.44 -20.00
CA LEU A 152 -5.76 -3.06 -21.21
C LEU A 152 -6.58 -4.26 -21.73
N ASP A 153 -7.15 -5.03 -20.82
CA ASP A 153 -8.01 -6.14 -21.22
C ASP A 153 -9.21 -5.62 -22.05
N LYS A 154 -9.72 -4.47 -21.64
CA LYS A 154 -10.92 -3.92 -22.19
C LYS A 154 -10.57 -3.37 -23.58
N LEU A 155 -9.46 -2.64 -23.63
CA LEU A 155 -9.05 -1.83 -24.76
C LEU A 155 -8.28 -2.48 -25.88
N CYS A 156 -7.44 -3.46 -25.54
CA CYS A 156 -6.58 -4.07 -26.53
C CYS A 156 -7.24 -5.27 -27.16
N TRP A 157 -7.59 -5.17 -28.45
CA TRP A 157 -8.20 -6.31 -29.12
C TRP A 157 -7.17 -7.26 -29.73
N THR A 158 -5.87 -6.92 -29.63
CA THR A 158 -4.78 -7.83 -30.04
C THR A 158 -3.80 -8.08 -28.92
N GLU A 159 -3.25 -9.30 -28.87
CA GLU A 159 -2.23 -9.65 -27.88
C GLU A 159 -0.99 -8.77 -28.02
N SER A 160 -0.67 -8.47 -29.27
CA SER A 160 0.45 -7.62 -29.60
C SER A 160 0.37 -6.21 -28.98
N ALA A 161 -0.76 -5.53 -29.15
CA ALA A 161 -0.97 -4.24 -28.50
C ALA A 161 -0.90 -4.37 -26.97
N LYS A 162 -1.46 -5.48 -26.44
CA LYS A 162 -1.54 -5.69 -25.01
C LYS A 162 -0.15 -5.93 -24.39
N GLN A 163 0.65 -6.73 -25.08
CA GLN A 163 2.01 -7.02 -24.66
C GLN A 163 2.86 -5.75 -24.67
N LEU A 164 2.72 -4.90 -25.67
CA LEU A 164 3.49 -3.64 -25.72
C LEU A 164 3.02 -2.58 -24.71
N ALA A 165 1.71 -2.55 -24.49
CA ALA A 165 1.10 -1.64 -23.55
C ALA A 165 1.50 -2.04 -22.12
N THR A 166 1.65 -3.33 -21.89
CA THR A 166 2.11 -3.90 -20.62
C THR A 166 3.55 -3.54 -20.30
N LEU A 167 4.44 -3.75 -21.30
CA LEU A 167 5.84 -3.30 -21.21
C LEU A 167 5.88 -1.81 -20.89
N PHE A 168 5.07 -1.04 -21.60
CA PHE A 168 5.05 0.39 -21.42
C PHE A 168 4.73 0.76 -19.95
N VAL A 169 3.68 0.16 -19.38
CA VAL A 169 3.35 0.41 -17.97
C VAL A 169 4.50 -0.04 -17.09
N ASN A 170 4.91 -1.31 -17.22
CA ASN A 170 6.07 -1.80 -16.45
C ASN A 170 7.24 -0.80 -16.49
N LEU A 171 7.50 -0.25 -17.67
CA LEU A 171 8.64 0.67 -17.87
C LEU A 171 8.46 2.06 -17.30
N CYS A 172 7.23 2.58 -17.44
CA CYS A 172 6.96 3.90 -16.93
C CYS A 172 6.94 3.91 -15.45
N VAL A 173 6.35 2.87 -14.83
CA VAL A 173 6.12 3.03 -13.40
C VAL A 173 6.65 1.88 -12.58
N THR A 174 7.58 1.11 -13.16
CA THR A 174 8.22 -0.02 -12.45
C THR A 174 7.24 -0.82 -11.58
N ALA A 175 6.05 -1.08 -12.12
CA ALA A 175 5.04 -1.90 -11.39
C ALA A 175 4.24 -2.72 -12.41
N GLU A 176 3.48 -3.71 -11.91
CA GLU A 176 2.69 -4.54 -12.81
C GLU A 176 1.40 -3.83 -13.11
N THR A 177 0.78 -4.16 -14.25
CA THR A 177 -0.46 -3.49 -14.66
C THR A 177 -1.61 -3.74 -13.66
N HIS A 178 -1.59 -4.89 -13.05
CA HIS A 178 -2.59 -5.25 -12.08
C HIS A 178 -2.30 -4.68 -10.69
N GLU A 179 -1.18 -3.98 -10.52
CA GLU A 179 -0.87 -3.38 -9.23
C GLU A 179 -1.42 -1.98 -9.10
N VAL A 180 -1.59 -1.31 -10.23
CA VAL A 180 -1.75 0.12 -10.21
C VAL A 180 -3.13 0.51 -10.66
N SER A 181 -3.60 1.64 -10.14
CA SER A 181 -4.88 2.19 -10.57
C SER A 181 -4.85 2.73 -12.02
N ALA A 182 -5.92 2.51 -12.79
CA ALA A 182 -5.92 3.06 -14.15
C ALA A 182 -5.91 4.59 -14.10
N LEU A 183 -6.72 5.21 -13.25
CA LEU A 183 -6.75 6.67 -13.10
C LEU A 183 -5.40 7.24 -12.80
N TRP A 184 -4.70 6.63 -11.85
CA TRP A 184 -3.38 7.15 -11.50
C TRP A 184 -2.40 6.99 -12.62
N PHE A 185 -2.42 5.82 -13.28
CA PHE A 185 -1.47 5.65 -14.37
C PHE A 185 -1.69 6.65 -15.51
N LEU A 186 -2.96 6.76 -15.94
CA LEU A 186 -3.39 7.75 -16.93
C LEU A 186 -3.06 9.18 -16.49
N TRP A 187 -3.21 9.46 -15.20
CA TRP A 187 -2.81 10.80 -14.73
C TRP A 187 -1.32 10.94 -14.94
N TYR A 188 -0.58 9.93 -14.50
CA TYR A 188 0.85 10.02 -14.48
C TYR A 188 1.45 10.38 -15.85
N VAL A 189 0.92 9.74 -16.90
CA VAL A 189 1.41 9.92 -18.24
C VAL A 189 0.95 11.27 -18.72
N LYS A 190 -0.32 11.59 -18.51
CA LYS A 190 -0.82 12.88 -18.95
C LYS A 190 0.00 13.98 -18.32
N GLN A 191 0.38 13.87 -17.06
CA GLN A 191 1.10 15.00 -16.44
C GLN A 191 2.57 15.13 -16.89
N CYS A 192 3.06 14.19 -17.71
CA CYS A 192 4.37 14.30 -18.34
C CYS A 192 4.23 14.83 -19.80
N GLY A 193 3.00 15.16 -20.21
CA GLY A 193 2.77 15.65 -21.51
C GLY A 193 2.28 14.61 -22.48
N GLY A 194 1.96 13.40 -22.04
CA GLY A 194 1.38 12.46 -22.96
C GLY A 194 2.32 11.37 -23.44
N THR A 195 1.78 10.40 -24.19
CA THR A 195 2.51 9.18 -24.50
C THR A 195 3.77 9.46 -25.29
N THR A 196 3.68 10.34 -26.29
CA THR A 196 4.87 10.69 -27.12
C THR A 196 5.98 11.35 -26.32
N ARG A 197 5.64 12.46 -25.66
CA ARG A 197 6.62 13.13 -24.84
C ARG A 197 7.27 12.18 -23.86
N ILE A 198 6.48 11.29 -23.22
CA ILE A 198 7.04 10.48 -22.17
C ILE A 198 7.90 9.34 -22.74
N ILE A 199 7.55 8.80 -23.90
CA ILE A 199 8.32 7.62 -24.37
C ILE A 199 9.57 7.99 -25.22
N SER A 200 9.60 9.21 -25.76
CA SER A 200 10.62 9.65 -26.74
C SER A 200 11.97 9.97 -26.14
N THR A 201 13.04 9.60 -26.88
CA THR A 201 14.40 10.06 -26.60
C THR A 201 14.60 11.43 -27.26
N THR A 202 14.80 11.48 -28.58
CA THR A 202 14.66 12.76 -29.31
C THR A 202 13.28 13.42 -29.05
N ASN A 203 13.31 14.63 -28.49
CA ASN A 203 12.14 15.45 -28.24
C ASN A 203 11.28 14.94 -27.11
N GLY A 204 11.89 14.21 -26.18
CA GLY A 204 11.14 13.58 -25.13
C GLY A 204 11.96 13.49 -23.87
N GLY A 205 11.41 12.77 -22.89
CA GLY A 205 11.95 12.79 -21.53
C GLY A 205 13.35 12.19 -21.42
N GLN A 206 13.75 11.40 -22.42
CA GLN A 206 15.06 10.69 -22.35
C GLN A 206 16.08 11.32 -23.30
N GLU A 207 15.79 12.50 -23.84
CA GLU A 207 16.77 13.18 -24.75
C GLU A 207 18.20 13.37 -24.19
N ARG A 208 18.35 13.63 -22.90
CA ARG A 208 19.67 14.07 -22.44
C ARG A 208 20.01 13.51 -21.09
N LYS A 209 21.29 13.66 -20.72
CA LYS A 209 21.82 13.38 -19.39
C LYS A 209 22.74 14.56 -19.07
N PHE A 210 23.08 14.73 -17.78
CA PHE A 210 24.09 15.74 -17.37
C PHE A 210 25.51 15.22 -17.50
N VAL A 211 26.38 16.01 -18.15
CA VAL A 211 27.82 15.75 -18.19
C VAL A 211 28.29 15.63 -16.75
N GLY A 212 28.85 14.48 -16.40
CA GLY A 212 29.34 14.31 -15.04
C GLY A 212 28.36 13.68 -14.05
N GLY A 213 27.06 13.66 -14.36
CA GLY A 213 26.11 12.90 -13.50
C GLY A 213 25.08 13.78 -12.80
N SER A 214 23.87 13.28 -12.57
CA SER A 214 22.81 14.10 -11.96
C SER A 214 23.08 14.39 -10.44
N GLY A 215 23.90 13.55 -9.82
CA GLY A 215 24.24 13.72 -8.40
C GLY A 215 24.86 15.10 -8.17
N GLN A 216 25.41 15.70 -9.20
CA GLN A 216 25.99 17.01 -9.07
C GLN A 216 24.95 18.03 -8.63
N VAL A 217 23.68 17.84 -8.99
CA VAL A 217 22.69 18.89 -8.67
C VAL A 217 22.62 19.05 -7.17
N SER A 218 22.50 17.95 -6.45
CA SER A 218 22.35 18.01 -5.02
C SER A 218 23.69 18.33 -4.34
N GLU A 219 24.77 17.77 -4.88
CA GLU A 219 26.13 17.99 -4.38
C GLU A 219 26.52 19.48 -4.46
N ARG A 220 26.18 20.10 -5.58
CA ARG A 220 26.49 21.52 -5.76
C ARG A 220 25.68 22.44 -4.86
N ILE A 221 24.40 22.14 -4.67
CA ILE A 221 23.61 22.89 -3.70
C ILE A 221 24.14 22.66 -2.28
N MET A 222 24.50 21.42 -1.93
CA MET A 222 25.15 21.17 -0.67
C MET A 222 26.40 22.08 -0.54
N ASP A 223 27.25 22.10 -1.58
CA ASP A 223 28.42 23.01 -1.58
C ASP A 223 27.99 24.46 -1.21
N LEU A 224 27.04 25.02 -1.96
CA LEU A 224 26.48 26.36 -1.67
C LEU A 224 25.90 26.58 -0.28
N LEU A 225 25.32 25.54 0.34
CA LEU A 225 24.71 25.69 1.66
C LEU A 225 25.71 25.45 2.81
N GLY A 226 26.93 25.02 2.47
CA GLY A 226 27.94 24.71 3.48
C GLY A 226 27.42 23.74 4.52
N ASP A 227 27.57 24.11 5.79
CA ASP A 227 27.32 23.16 6.88
C ASP A 227 25.89 23.25 7.41
N ARG A 228 25.03 23.90 6.62
CA ARG A 228 23.56 23.86 6.83
C ARG A 228 22.97 22.48 6.52
N VAL A 229 23.66 21.70 5.67
CA VAL A 229 23.25 20.34 5.32
C VAL A 229 23.80 19.34 6.34
N LYS A 230 22.91 18.67 7.08
CA LYS A 230 23.31 17.67 8.08
C LYS A 230 23.09 16.23 7.57
N LEU A 231 24.20 15.53 7.32
CA LEU A 231 24.16 14.14 6.85
C LEU A 231 24.13 13.17 8.01
N GLU A 232 23.60 11.98 7.77
CA GLU A 232 23.38 10.98 8.84
C GLU A 232 22.50 11.54 9.97
N ARG A 233 21.52 12.34 9.57
CA ARG A 233 20.49 12.84 10.45
C ARG A 233 19.10 12.37 10.03
N PRO A 234 18.83 11.05 10.17
CA PRO A 234 17.48 10.54 9.95
C PRO A 234 16.53 11.13 10.98
N VAL A 235 15.50 11.84 10.50
CA VAL A 235 14.45 12.35 11.37
C VAL A 235 13.57 11.22 11.91
N ILE A 236 13.34 11.21 13.22
CA ILE A 236 12.52 10.20 13.86
C ILE A 236 11.28 10.79 14.51
N TYR A 237 11.21 12.11 14.66
CA TYR A 237 10.19 12.68 15.53
C TYR A 237 9.90 14.12 15.17
N ILE A 238 8.62 14.47 15.06
CA ILE A 238 8.25 15.85 14.82
C ILE A 238 7.15 16.28 15.79
N ASP A 239 7.44 17.32 16.57
CA ASP A 239 6.52 17.83 17.58
C ASP A 239 6.02 19.23 17.23
N GLN A 240 4.69 19.39 17.09
CA GLN A 240 4.08 20.68 16.72
C GLN A 240 3.12 21.21 17.79
N THR A 241 3.29 20.74 19.02
CA THR A 241 2.40 21.07 20.13
C THR A 241 2.73 22.44 20.78
N ARG A 242 3.98 22.87 20.64
CA ARG A 242 4.50 24.09 21.23
C ARG A 242 4.62 25.22 20.21
N GLU A 243 5.27 26.30 20.65
CA GLU A 243 5.35 27.55 19.92
C GLU A 243 6.13 27.35 18.63
N ASN A 244 7.30 26.73 18.73
CA ASN A 244 8.14 26.40 17.58
C ASN A 244 8.09 24.90 17.26
N VAL A 245 8.22 24.55 15.98
CA VAL A 245 8.27 23.14 15.58
C VAL A 245 9.60 22.49 16.05
N LEU A 246 9.50 21.33 16.70
CA LEU A 246 10.66 20.56 17.12
C LEU A 246 10.83 19.29 16.28
N VAL A 247 12.05 19.06 15.83
CA VAL A 247 12.41 17.97 14.94
C VAL A 247 13.60 17.26 15.53
N GLU A 248 13.45 16.01 15.87
CA GLU A 248 14.53 15.28 16.48
C GLU A 248 15.05 14.23 15.50
N THR A 249 16.37 14.09 15.47
CA THR A 249 17.03 13.08 14.64
C THR A 249 17.41 11.86 15.46
N LEU A 250 17.76 10.80 14.75
CA LEU A 250 17.99 9.49 15.33
C LEU A 250 19.17 9.48 16.28
N ASN A 251 20.19 10.26 15.93
CA ASN A 251 21.39 10.43 16.79
C ASN A 251 21.18 11.33 18.01
N HIS A 252 19.96 11.86 18.17
CA HIS A 252 19.50 12.60 19.37
C HIS A 252 19.55 14.12 19.27
N GLU A 253 20.10 14.64 18.18
CA GLU A 253 20.03 16.08 17.92
C GLU A 253 18.61 16.60 17.80
N MET A 254 18.43 17.88 18.08
CA MET A 254 17.12 18.50 18.20
C MET A 254 17.19 19.81 17.46
N TYR A 255 16.20 20.08 16.61
CA TYR A 255 16.21 21.30 15.79
C TYR A 255 14.91 22.03 15.98
N GLU A 256 14.98 23.35 16.04
CA GLU A 256 13.77 24.14 16.19
C GLU A 256 13.57 25.05 14.99
N ALA A 257 12.33 25.14 14.51
CA ALA A 257 12.09 25.95 13.33
C ALA A 257 10.71 26.57 13.35
N LYS A 258 10.48 27.59 12.52
CA LYS A 258 9.13 28.11 12.37
C LYS A 258 8.26 27.15 11.51
N TYR A 259 8.89 26.49 10.54
CA TYR A 259 8.19 25.61 9.61
C TYR A 259 9.06 24.41 9.26
N VAL A 260 8.43 23.38 8.70
CA VAL A 260 9.16 22.21 8.23
C VAL A 260 8.73 21.91 6.82
N ILE A 261 9.67 21.44 6.01
CA ILE A 261 9.35 20.84 4.71
C ILE A 261 9.69 19.36 4.73
N SER A 262 8.66 18.52 4.56
CA SER A 262 8.87 17.12 4.33
C SER A 262 9.14 16.92 2.83
N ALA A 263 10.35 16.49 2.52
CA ALA A 263 10.75 16.35 1.13
C ALA A 263 11.21 14.92 0.86
N ILE A 264 10.54 13.97 1.51
CA ILE A 264 10.84 12.55 1.42
C ILE A 264 9.61 11.86 0.80
N PRO A 265 9.78 10.66 0.20
CA PRO A 265 8.68 9.91 -0.40
C PRO A 265 7.51 9.77 0.56
N PRO A 266 6.29 9.97 0.07
CA PRO A 266 5.13 10.00 1.00
C PRO A 266 5.11 8.85 2.00
N THR A 267 5.32 7.62 1.56
CA THR A 267 5.29 6.48 2.51
C THR A 267 6.42 6.55 3.58
N LEU A 268 7.56 7.20 3.30
CA LEU A 268 8.67 7.33 4.29
C LEU A 268 8.34 8.24 5.47
N GLY A 269 7.27 9.02 5.35
CA GLY A 269 6.70 9.71 6.52
C GLY A 269 6.36 8.81 7.69
N MET A 270 6.17 7.51 7.39
CA MET A 270 5.88 6.49 8.39
C MET A 270 7.04 6.31 9.37
N LYS A 271 8.25 6.68 8.95
CA LYS A 271 9.47 6.54 9.81
C LYS A 271 9.57 7.67 10.85
N ILE A 272 8.62 8.59 10.85
CA ILE A 272 8.60 9.69 11.78
C ILE A 272 7.44 9.49 12.74
N HIS A 273 7.69 9.64 14.03
CA HIS A 273 6.63 9.66 15.01
C HIS A 273 6.16 11.09 15.13
N PHE A 274 4.83 11.31 15.14
CA PHE A 274 4.27 12.66 15.10
C PHE A 274 3.51 13.00 16.36
N ASN A 275 3.74 14.22 16.84
CA ASN A 275 2.96 14.72 17.97
C ASN A 275 2.57 16.14 17.62
N PRO A 276 1.24 16.44 17.57
CA PRO A 276 0.14 15.48 17.76
C PRO A 276 0.07 14.43 16.60
N PRO A 277 -0.73 13.37 16.77
CA PRO A 277 -0.81 12.39 15.69
C PRO A 277 -1.21 13.08 14.36
N LEU A 278 -0.88 12.47 13.22
CA LEU A 278 -1.27 13.07 11.92
C LEU A 278 -2.77 13.01 11.81
N PRO A 279 -3.40 13.93 11.03
CA PRO A 279 -4.85 13.74 10.82
C PRO A 279 -5.13 12.38 10.15
N MET A 280 -6.29 11.86 10.48
CA MET A 280 -6.72 10.56 10.01
C MET A 280 -6.35 10.22 8.56
N MET A 281 -6.61 11.13 7.63
CA MET A 281 -6.48 10.78 6.21
C MET A 281 -5.01 10.59 5.79
N ARG A 282 -4.14 11.51 6.20
CA ARG A 282 -2.68 11.32 6.02
C ARG A 282 -2.17 10.10 6.79
N ASN A 283 -2.60 9.94 8.05
CA ASN A 283 -2.24 8.77 8.81
C ASN A 283 -2.35 7.52 7.95
N GLN A 284 -3.47 7.33 7.26
CA GLN A 284 -3.69 6.12 6.47
C GLN A 284 -3.09 6.23 5.06
N MET A 285 -3.21 7.39 4.44
CA MET A 285 -2.55 7.63 3.16
C MET A 285 -1.13 7.08 3.09
N ILE A 286 -0.35 7.28 4.15
CA ILE A 286 1.09 6.92 4.06
C ILE A 286 1.39 5.43 4.15
N THR A 287 0.33 4.65 4.40
CA THR A 287 0.45 3.21 4.44
C THR A 287 -0.09 2.59 3.16
N ARG A 288 -0.48 3.45 2.21
CA ARG A 288 -1.21 3.00 1.02
C ARG A 288 -0.53 3.38 -0.30
N VAL A 289 0.68 3.97 -0.24
CA VAL A 289 1.37 4.44 -1.43
C VAL A 289 2.81 3.94 -1.52
N PRO A 290 2.99 2.72 -2.04
CA PRO A 290 4.30 2.14 -2.13
C PRO A 290 5.06 2.60 -3.36
N LEU A 291 6.36 2.35 -3.36
CA LEU A 291 7.22 2.69 -4.53
C LEU A 291 7.46 1.44 -5.39
N GLY A 292 7.75 1.68 -6.66
CA GLY A 292 8.01 0.63 -7.61
C GLY A 292 9.33 -0.10 -7.36
N SER A 293 9.60 -1.10 -8.21
CA SER A 293 10.72 -2.01 -8.05
C SER A 293 11.57 -2.01 -9.34
N VAL A 294 12.86 -1.70 -9.22
CA VAL A 294 13.73 -1.66 -10.40
C VAL A 294 15.18 -1.86 -10.00
N ILE A 295 15.94 -2.57 -10.84
CA ILE A 295 17.40 -2.63 -10.72
C ILE A 295 17.92 -1.90 -11.95
N LYS A 296 18.68 -0.83 -11.73
CA LYS A 296 19.37 -0.19 -12.90
C LYS A 296 20.73 -0.87 -13.15
N CYS A 297 20.92 -1.29 -14.40
CA CYS A 297 22.03 -2.15 -14.83
C CYS A 297 22.87 -1.56 -15.98
N ILE A 298 24.18 -1.41 -15.78
CA ILE A 298 24.99 -0.79 -16.83
C ILE A 298 26.11 -1.75 -17.21
N VAL A 299 26.06 -2.30 -18.42
CA VAL A 299 27.13 -3.16 -18.90
C VAL A 299 28.10 -2.36 -19.80
N TYR A 300 29.42 -2.45 -19.47
CA TYR A 300 30.50 -1.70 -20.19
C TYR A 300 31.25 -2.57 -21.21
N TYR A 301 31.54 -1.99 -22.36
CA TYR A 301 32.28 -2.67 -23.42
C TYR A 301 33.49 -1.83 -23.89
N LYS A 302 34.44 -2.49 -24.53
CA LYS A 302 35.59 -1.80 -25.15
C LYS A 302 35.15 -0.71 -26.11
N GLU A 303 34.22 -1.03 -27.02
CA GLU A 303 33.72 -0.07 -27.99
C GLU A 303 32.17 -0.10 -28.05
N PRO A 304 31.52 1.00 -28.53
CA PRO A 304 30.08 0.88 -28.80
C PRO A 304 29.79 0.10 -30.11
N PHE A 305 30.05 -1.20 -30.07
CA PHE A 305 30.02 -2.01 -31.29
C PHE A 305 28.72 -1.97 -32.03
N TRP A 306 27.62 -1.72 -31.31
CA TRP A 306 26.29 -1.72 -31.91
C TRP A 306 26.17 -0.64 -32.97
N ARG A 307 26.88 0.47 -32.82
CA ARG A 307 26.76 1.56 -33.81
C ARG A 307 27.32 1.13 -35.17
N LYS A 308 28.33 0.27 -35.17
CA LYS A 308 28.92 -0.28 -36.40
C LYS A 308 27.89 -1.09 -37.21
N LYS A 309 26.93 -1.73 -36.50
CA LYS A 309 25.79 -2.41 -37.15
C LYS A 309 24.61 -1.51 -37.41
N ASP A 310 24.79 -0.21 -37.25
CA ASP A 310 23.73 0.79 -37.43
C ASP A 310 22.57 0.62 -36.39
N TYR A 311 22.95 0.20 -35.18
CA TYR A 311 22.05 0.20 -34.01
C TYR A 311 22.48 1.27 -32.99
N CYS A 312 21.54 2.10 -32.50
CA CYS A 312 21.91 3.17 -31.56
C CYS A 312 22.12 2.66 -30.13
N GLY A 313 21.49 1.54 -29.77
CA GLY A 313 21.67 0.95 -28.44
C GLY A 313 20.35 0.86 -27.70
N THR A 314 19.30 1.42 -28.32
CA THR A 314 17.92 1.37 -27.81
C THR A 314 17.27 0.04 -28.23
N MET A 315 16.94 -0.75 -27.21
CA MET A 315 16.29 -2.05 -27.34
C MET A 315 14.98 -2.01 -26.55
N ILE A 316 13.87 -2.25 -27.27
CA ILE A 316 12.57 -2.50 -26.64
C ILE A 316 12.31 -4.02 -26.66
N ILE A 317 12.36 -4.65 -25.50
CA ILE A 317 12.41 -6.10 -25.47
C ILE A 317 11.19 -6.75 -24.83
N ASP A 318 10.37 -7.38 -25.67
CA ASP A 318 9.08 -7.97 -25.33
C ASP A 318 9.28 -9.32 -24.66
N GLY A 319 8.38 -9.65 -23.72
CA GLY A 319 8.28 -11.02 -23.20
C GLY A 319 8.99 -11.43 -21.92
N GLU A 320 8.42 -12.44 -21.26
CA GLU A 320 8.76 -12.82 -19.88
C GLU A 320 10.18 -13.24 -19.63
N GLU A 321 10.82 -13.83 -20.62
CA GLU A 321 12.12 -14.45 -20.44
C GLU A 321 13.22 -13.38 -20.36
N ALA A 322 12.98 -12.21 -20.98
CA ALA A 322 13.96 -11.12 -21.00
C ALA A 322 14.14 -10.52 -19.59
N PRO A 323 15.36 -10.57 -19.03
CA PRO A 323 15.55 -9.88 -17.75
C PRO A 323 15.25 -8.37 -17.80
N VAL A 324 15.62 -7.76 -18.92
CA VAL A 324 15.58 -6.30 -19.19
C VAL A 324 14.63 -6.10 -20.34
N ALA A 325 13.71 -5.12 -20.22
CA ALA A 325 12.76 -4.83 -21.29
C ALA A 325 13.15 -3.63 -22.10
N TYR A 326 14.07 -2.84 -21.58
CA TYR A 326 14.44 -1.61 -22.27
C TYR A 326 15.88 -1.19 -21.94
N THR A 327 16.59 -0.76 -23.00
CA THR A 327 17.98 -0.31 -22.89
C THR A 327 18.16 0.96 -23.69
N LEU A 328 19.21 1.69 -23.30
CA LEU A 328 19.62 2.93 -23.96
C LEU A 328 21.15 2.85 -23.99
N ASP A 329 21.75 3.43 -25.03
CA ASP A 329 23.21 3.55 -25.12
C ASP A 329 23.62 4.48 -23.95
N ASP A 330 24.58 4.04 -23.11
CA ASP A 330 25.09 4.89 -22.00
C ASP A 330 26.53 5.43 -22.17
N THR A 331 27.08 5.28 -23.38
CA THR A 331 28.42 5.74 -23.71
C THR A 331 28.55 7.25 -23.38
N LYS A 332 29.75 7.66 -22.96
CA LYS A 332 30.11 9.06 -22.71
C LYS A 332 30.02 9.85 -24.00
N PRO A 333 29.76 11.18 -23.91
CA PRO A 333 29.63 11.98 -25.14
C PRO A 333 30.90 12.01 -26.01
N GLU A 334 32.05 11.71 -25.41
CA GLU A 334 33.30 11.63 -26.16
C GLU A 334 33.46 10.27 -26.89
N GLY A 335 32.49 9.38 -26.73
CA GLY A 335 32.52 8.08 -27.43
C GLY A 335 33.27 6.98 -26.71
N ASN A 336 33.74 7.23 -25.47
CA ASN A 336 34.40 6.20 -24.64
C ASN A 336 33.59 5.73 -23.39
N TYR A 337 34.12 4.81 -22.60
CA TYR A 337 33.27 4.12 -21.59
C TYR A 337 31.96 3.64 -22.28
N ALA A 338 32.12 2.92 -23.40
CA ALA A 338 30.98 2.48 -24.20
C ALA A 338 30.13 1.60 -23.27
N ALA A 339 28.81 1.80 -23.26
CA ALA A 339 27.93 1.00 -22.34
C ALA A 339 26.46 0.92 -22.73
N ILE A 340 25.83 -0.18 -22.30
CA ILE A 340 24.37 -0.35 -22.44
C ILE A 340 23.72 -0.26 -21.07
N MET A 341 22.75 0.66 -20.97
CA MET A 341 21.97 0.81 -19.74
C MET A 341 20.69 -0.01 -19.91
N GLY A 342 20.29 -0.73 -18.88
CA GLY A 342 19.01 -1.46 -18.93
C GLY A 342 18.36 -1.50 -17.56
N PHE A 343 17.02 -1.56 -17.56
CA PHE A 343 16.23 -1.66 -16.32
C PHE A 343 15.67 -3.09 -16.18
N ILE A 344 15.73 -3.65 -14.97
CA ILE A 344 15.04 -4.90 -14.62
C ILE A 344 13.85 -4.49 -13.79
N LEU A 345 12.64 -4.73 -14.27
CA LEU A 345 11.43 -4.02 -13.77
C LEU A 345 10.49 -4.91 -12.94
N ALA A 346 9.86 -4.27 -11.94
CA ALA A 346 8.69 -4.85 -11.28
C ALA A 346 8.99 -6.26 -10.81
N HIS A 347 8.15 -7.22 -11.16
CA HIS A 347 8.32 -8.57 -10.62
C HIS A 347 9.69 -9.12 -10.97
N LYS A 348 10.29 -8.66 -12.07
CA LYS A 348 11.61 -9.16 -12.45
C LYS A 348 12.71 -8.64 -11.51
N ALA A 349 12.49 -7.47 -10.95
CA ALA A 349 13.41 -6.91 -9.97
C ALA A 349 13.40 -7.82 -8.80
N ARG A 350 12.23 -8.22 -8.37
CA ARG A 350 12.06 -9.10 -7.21
C ARG A 350 12.68 -10.46 -7.50
N LYS A 351 12.33 -11.05 -8.64
CA LYS A 351 12.82 -12.37 -8.97
C LYS A 351 14.34 -12.42 -9.18
N LEU A 352 14.90 -11.56 -10.01
CA LEU A 352 16.31 -11.66 -10.34
C LEU A 352 17.24 -11.18 -9.21
N ALA A 353 16.68 -10.52 -8.19
CA ALA A 353 17.50 -10.13 -7.05
C ALA A 353 18.07 -11.33 -6.28
N ARG A 354 17.43 -12.49 -6.38
CA ARG A 354 17.92 -13.71 -5.73
C ARG A 354 19.24 -14.18 -6.29
N LEU A 355 19.55 -13.80 -7.54
CA LEU A 355 20.80 -14.18 -8.23
C LEU A 355 21.96 -13.34 -7.75
N THR A 356 23.19 -13.74 -8.06
CA THR A 356 24.37 -12.91 -7.74
C THR A 356 24.58 -11.83 -8.82
N LYS A 357 25.38 -10.83 -8.49
CA LYS A 357 25.73 -9.81 -9.47
C LYS A 357 26.28 -10.44 -10.77
N GLU A 358 27.15 -11.43 -10.65
CA GLU A 358 27.80 -12.03 -11.82
C GLU A 358 26.79 -12.83 -12.63
N GLU A 359 25.79 -13.41 -11.95
CA GLU A 359 24.77 -14.16 -12.63
C GLU A 359 23.90 -13.23 -13.44
N ARG A 360 23.54 -12.08 -12.87
CA ARG A 360 22.71 -11.11 -13.64
C ARG A 360 23.47 -10.57 -14.85
N LEU A 361 24.75 -10.28 -14.66
CA LEU A 361 25.60 -9.78 -15.76
C LEU A 361 25.58 -10.76 -16.93
N LYS A 362 25.69 -12.05 -16.62
CA LYS A 362 25.68 -13.06 -17.66
C LYS A 362 24.35 -13.05 -18.46
N LYS A 363 23.23 -13.03 -17.73
CA LYS A 363 21.91 -13.00 -18.34
C LYS A 363 21.73 -11.80 -19.25
N LEU A 364 22.22 -10.65 -18.82
CA LEU A 364 22.07 -9.45 -19.62
C LEU A 364 22.89 -9.56 -20.89
N CYS A 365 24.14 -10.06 -20.73
CA CYS A 365 25.06 -10.13 -21.89
C CYS A 365 24.46 -11.03 -22.94
N GLU A 366 24.01 -12.22 -22.51
CA GLU A 366 23.35 -13.19 -23.41
C GLU A 366 22.07 -12.64 -24.03
N LEU A 367 21.33 -11.86 -23.24
CA LEU A 367 20.19 -11.22 -23.81
C LEU A 367 20.69 -10.27 -24.88
N TYR A 368 21.64 -9.40 -24.54
CA TYR A 368 21.99 -8.35 -25.51
C TYR A 368 22.59 -8.97 -26.81
N ALA A 369 23.32 -10.09 -26.66
CA ALA A 369 24.01 -10.70 -27.79
C ALA A 369 22.97 -11.18 -28.80
N LYS A 370 21.88 -11.76 -28.25
CA LYS A 370 20.75 -12.21 -29.07
C LYS A 370 20.10 -11.01 -29.74
N VAL A 371 19.81 -9.96 -28.99
CA VAL A 371 19.02 -8.87 -29.55
C VAL A 371 19.81 -8.09 -30.59
N LEU A 372 21.10 -7.95 -30.34
CA LEU A 372 21.97 -7.19 -31.25
C LEU A 372 22.55 -8.13 -32.33
N GLY A 373 22.34 -9.44 -32.20
CA GLY A 373 23.04 -10.45 -33.01
C GLY A 373 24.53 -10.23 -33.06
N SER A 374 25.15 -10.20 -31.87
CA SER A 374 26.57 -9.88 -31.77
C SER A 374 27.21 -10.69 -30.67
N LEU A 375 28.27 -11.43 -30.98
CA LEU A 375 29.03 -12.08 -29.92
C LEU A 375 29.82 -11.06 -29.07
N GLU A 376 30.01 -9.84 -29.58
CA GLU A 376 30.79 -8.88 -28.81
C GLU A 376 30.07 -8.58 -27.52
N ALA A 377 28.74 -8.75 -27.50
CA ALA A 377 27.91 -8.49 -26.29
C ALA A 377 28.27 -9.39 -25.14
N LEU A 378 28.93 -10.48 -25.45
CA LEU A 378 29.29 -11.46 -24.45
C LEU A 378 30.65 -11.12 -23.86
N GLU A 379 31.21 -9.97 -24.24
CA GLU A 379 32.58 -9.61 -23.80
C GLU A 379 32.62 -8.28 -23.03
N PRO A 380 31.86 -8.20 -21.92
CA PRO A 380 31.83 -6.96 -21.14
C PRO A 380 33.21 -6.70 -20.52
N VAL A 381 33.56 -5.42 -20.33
CA VAL A 381 34.78 -5.08 -19.59
C VAL A 381 34.51 -4.66 -18.13
N HIS A 382 33.29 -4.19 -17.87
CA HIS A 382 32.88 -3.84 -16.51
C HIS A 382 31.34 -3.95 -16.38
N TYR A 383 30.86 -3.96 -15.12
CA TYR A 383 29.44 -3.98 -14.77
C TYR A 383 29.18 -3.18 -13.49
N GLU A 384 28.27 -2.19 -13.55
CA GLU A 384 27.71 -1.57 -12.36
C GLU A 384 26.16 -1.75 -12.35
N GLU A 385 25.57 -1.92 -11.16
CA GLU A 385 24.13 -2.07 -11.02
C GLU A 385 23.67 -1.53 -9.67
N LYS A 386 22.46 -0.99 -9.60
CA LYS A 386 21.87 -0.73 -8.28
C LYS A 386 20.44 -1.23 -8.16
N ASN A 387 20.19 -2.00 -7.11
CA ASN A 387 18.81 -2.45 -6.80
C ASN A 387 18.19 -1.51 -5.76
N TRP A 388 17.24 -0.70 -6.21
CA TRP A 388 16.68 0.33 -5.35
C TRP A 388 15.61 -0.20 -4.36
N CYS A 389 15.09 -1.39 -4.59
CA CYS A 389 14.16 -2.00 -3.68
C CYS A 389 14.78 -2.12 -2.31
N GLU A 390 16.12 -2.18 -2.25
CA GLU A 390 16.76 -2.48 -0.97
C GLU A 390 17.00 -1.21 -0.12
N GLU A 391 16.65 -0.05 -0.66
CA GLU A 391 16.99 1.24 0.00
C GLU A 391 15.99 1.68 1.06
N GLN A 392 16.41 1.58 2.33
CA GLN A 392 15.62 1.98 3.50
C GLN A 392 15.05 3.39 3.34
N TYR A 393 15.85 4.29 2.77
CA TYR A 393 15.47 5.71 2.71
C TYR A 393 15.04 6.20 1.34
N SER A 394 14.80 5.24 0.44
CA SER A 394 14.02 5.46 -0.77
C SER A 394 12.70 4.65 -0.76
N GLY A 395 12.79 3.35 -0.49
CA GLY A 395 11.65 2.42 -0.49
C GLY A 395 11.45 1.79 -1.85
N GLY A 396 12.20 2.27 -2.85
CA GLY A 396 12.10 1.80 -4.24
C GLY A 396 12.37 2.90 -5.24
N CYS A 397 11.98 2.66 -6.49
CA CYS A 397 12.21 3.63 -7.58
C CYS A 397 11.32 3.26 -8.79
N TYR A 398 11.00 4.19 -9.68
CA TYR A 398 11.48 5.56 -9.68
C TYR A 398 10.69 6.35 -8.70
N THR A 399 9.47 5.85 -8.45
CA THR A 399 8.50 6.68 -7.70
C THR A 399 7.34 5.91 -7.08
N THR A 400 6.43 6.67 -6.48
CA THR A 400 5.33 6.15 -5.74
C THR A 400 4.24 5.89 -6.76
N TYR A 401 3.70 4.67 -6.72
CA TYR A 401 2.51 4.37 -7.47
C TYR A 401 1.30 4.20 -6.53
N PHE A 402 0.10 4.38 -7.12
CA PHE A 402 -1.19 4.30 -6.42
C PHE A 402 -1.97 3.02 -6.85
N PRO A 403 -2.18 2.07 -5.91
CA PRO A 403 -3.05 0.90 -6.14
C PRO A 403 -4.52 1.33 -6.39
N PRO A 404 -5.38 0.41 -6.83
CA PRO A 404 -6.76 0.83 -7.11
C PRO A 404 -7.49 1.40 -5.89
N GLY A 405 -8.26 2.45 -6.10
CA GLY A 405 -9.08 3.05 -5.06
C GLY A 405 -8.40 4.11 -4.22
N ILE A 406 -7.07 4.23 -4.30
CA ILE A 406 -6.37 5.09 -3.36
C ILE A 406 -6.42 6.53 -3.76
N LEU A 407 -6.14 6.81 -5.02
CA LEU A 407 -5.96 8.21 -5.43
C LEU A 407 -7.25 9.04 -5.25
N THR A 408 -8.42 8.46 -5.51
CA THR A 408 -9.65 9.22 -5.27
C THR A 408 -9.96 9.36 -3.77
N GLN A 409 -9.55 8.40 -2.95
CA GLN A 409 -9.82 8.51 -1.52
C GLN A 409 -8.86 9.43 -0.78
N TYR A 410 -7.57 9.43 -1.19
CA TYR A 410 -6.51 10.03 -0.39
C TYR A 410 -5.62 11.00 -1.15
N GLY A 411 -5.80 11.10 -2.46
CA GLY A 411 -5.02 12.02 -3.29
C GLY A 411 -4.97 13.45 -2.79
N ARG A 412 -6.10 13.99 -2.36
CA ARG A 412 -6.19 15.39 -1.92
C ARG A 412 -5.20 15.73 -0.82
N VAL A 413 -4.83 14.70 -0.06
CA VAL A 413 -4.06 14.80 1.16
C VAL A 413 -2.59 14.96 0.85
N LEU A 414 -2.16 14.57 -0.36
CA LEU A 414 -0.73 14.44 -0.63
C LEU A 414 0.07 15.68 -0.27
N ARG A 415 -0.41 16.85 -0.66
CA ARG A 415 0.35 18.06 -0.42
C ARG A 415 -0.37 19.09 0.46
N GLN A 416 -1.40 18.64 1.15
CA GLN A 416 -2.08 19.47 2.12
C GLN A 416 -1.18 19.70 3.34
N PRO A 417 -0.92 20.98 3.70
CA PRO A 417 -0.08 21.25 4.88
C PRO A 417 -0.68 20.65 6.16
N VAL A 418 0.17 20.12 7.05
CA VAL A 418 -0.27 19.66 8.36
C VAL A 418 0.26 20.63 9.40
N ASP A 419 -0.57 21.63 9.76
CA ASP A 419 -0.15 22.73 10.66
C ASP A 419 1.01 23.49 10.02
N ARG A 420 2.25 23.25 10.46
CA ARG A 420 3.43 23.96 9.89
C ARG A 420 4.35 23.02 9.11
N ILE A 421 3.84 21.82 8.79
CA ILE A 421 4.53 20.93 7.83
C ILE A 421 3.96 21.12 6.43
N TYR A 422 4.85 21.47 5.50
CA TYR A 422 4.54 21.58 4.08
C TYR A 422 5.28 20.48 3.32
N PHE A 423 4.73 20.06 2.19
CA PHE A 423 5.16 18.82 1.49
C PHE A 423 5.74 19.04 0.11
N ALA A 424 7.02 18.71 -0.02
CA ALA A 424 7.72 18.80 -1.29
C ALA A 424 7.86 17.34 -1.79
N GLY A 425 8.89 17.00 -2.55
CA GLY A 425 9.08 15.61 -2.97
C GLY A 425 8.40 15.50 -4.32
N THR A 426 8.99 14.72 -5.24
CA THR A 426 8.49 14.71 -6.61
C THR A 426 7.06 14.21 -6.73
N GLU A 427 6.65 13.38 -5.76
CA GLU A 427 5.28 12.84 -5.72
C GLU A 427 4.20 13.93 -5.65
N THR A 428 4.58 15.15 -5.25
CA THR A 428 3.55 16.19 -4.99
C THR A 428 3.52 17.18 -6.17
N ALA A 429 4.39 16.96 -7.17
CA ALA A 429 4.42 17.77 -8.37
C ALA A 429 3.20 17.58 -9.30
N THR A 430 3.00 18.52 -10.22
CA THR A 430 1.88 18.47 -11.18
C THR A 430 2.34 18.46 -12.62
N HIS A 431 3.65 18.48 -12.84
CA HIS A 431 4.23 18.34 -14.18
C HIS A 431 5.55 17.55 -14.03
N TRP A 432 5.62 16.37 -14.62
CA TRP A 432 6.75 15.43 -14.42
C TRP A 432 6.92 15.01 -12.96
N SER A 433 5.83 14.84 -12.24
CA SER A 433 5.90 14.13 -10.98
C SER A 433 6.52 12.73 -11.26
N GLY A 434 7.35 12.25 -10.32
CA GLY A 434 8.08 11.02 -10.49
C GLY A 434 9.48 11.24 -11.01
N TYR A 435 9.72 12.44 -11.55
CA TYR A 435 11.01 12.82 -12.16
C TYR A 435 11.79 13.85 -11.36
N MET A 436 13.05 14.04 -11.75
CA MET A 436 13.89 15.12 -11.20
C MET A 436 13.24 16.48 -11.37
N GLU A 437 12.64 16.71 -12.54
CA GLU A 437 11.80 17.88 -12.82
C GLU A 437 10.71 18.16 -11.75
N GLY A 438 9.89 17.15 -11.43
CA GLY A 438 8.85 17.34 -10.44
C GLY A 438 9.48 17.59 -9.07
N ALA A 439 10.63 16.98 -8.82
CA ALA A 439 11.34 17.20 -7.58
C ALA A 439 11.64 18.69 -7.35
N VAL A 440 12.18 19.34 -8.37
CA VAL A 440 12.41 20.79 -8.33
C VAL A 440 11.11 21.55 -8.20
N GLU A 441 10.10 21.20 -9.03
CA GLU A 441 8.83 21.95 -8.98
C GLU A 441 8.25 21.92 -7.58
N ALA A 442 8.10 20.73 -7.03
CA ALA A 442 7.49 20.55 -5.73
C ALA A 442 8.29 21.19 -4.57
N GLY A 443 9.63 21.14 -4.67
CA GLY A 443 10.54 21.76 -3.66
C GLY A 443 10.38 23.25 -3.58
N GLU A 444 10.39 23.89 -4.74
CA GLU A 444 10.28 25.34 -4.86
C GLU A 444 8.87 25.82 -4.56
N ARG A 445 7.86 25.00 -4.87
CA ARG A 445 6.51 25.37 -4.53
C ARG A 445 6.28 25.32 -3.03
N ALA A 446 6.86 24.34 -2.35
CA ALA A 446 6.68 24.21 -0.89
C ALA A 446 7.38 25.34 -0.16
N ALA A 447 8.59 25.67 -0.62
CA ALA A 447 9.35 26.79 -0.09
C ALA A 447 8.51 28.05 -0.20
N ARG A 448 7.93 28.27 -1.37
CA ARG A 448 7.11 29.45 -1.60
C ARG A 448 5.84 29.45 -0.76
N GLU A 449 5.34 28.26 -0.42
CA GLU A 449 4.15 28.20 0.38
C GLU A 449 4.44 28.75 1.74
N ILE A 450 5.65 28.42 2.23
CA ILE A 450 6.13 28.88 3.53
C ILE A 450 6.37 30.38 3.46
N LEU A 451 7.08 30.83 2.42
CA LEU A 451 7.24 32.27 2.18
C LEU A 451 5.90 32.98 2.20
N HIS A 452 4.84 32.38 1.67
CA HIS A 452 3.53 33.02 1.72
C HIS A 452 2.93 33.06 3.11
N ALA A 453 3.00 31.92 3.82
CA ALA A 453 2.65 31.84 5.23
C ALA A 453 3.35 32.93 6.06
N MET A 454 4.60 33.27 5.70
CA MET A 454 5.36 34.32 6.38
C MET A 454 5.05 35.77 5.93
N GLY A 455 4.19 35.94 4.93
CA GLY A 455 3.81 37.27 4.43
C GLY A 455 4.77 37.88 3.42
N LYS A 456 5.84 37.16 3.08
CA LYS A 456 6.84 37.63 2.11
C LYS A 456 6.37 37.69 0.65
N ILE A 457 5.45 36.83 0.25
CA ILE A 457 4.95 36.83 -1.15
C ILE A 457 3.44 36.68 -1.15
N PRO A 458 2.76 37.25 -2.16
CA PRO A 458 1.30 37.04 -2.22
C PRO A 458 0.95 35.61 -2.67
N GLU A 459 -0.30 35.22 -2.49
CA GLU A 459 -0.76 33.87 -2.85
C GLU A 459 -0.51 33.52 -4.31
N ASP A 460 -0.83 34.45 -5.22
CA ASP A 460 -0.56 34.28 -6.66
C ASP A 460 0.87 33.88 -7.04
N GLU A 461 1.85 34.09 -6.16
CA GLU A 461 3.26 33.69 -6.43
C GLU A 461 3.68 32.32 -5.91
N ILE A 462 2.77 31.59 -5.26
CA ILE A 462 3.09 30.22 -4.78
C ILE A 462 3.44 29.29 -5.97
N TRP A 463 2.54 29.24 -6.94
CA TRP A 463 2.77 28.46 -8.13
C TRP A 463 3.30 29.41 -9.22
N GLN A 464 4.42 29.02 -9.80
CA GLN A 464 5.13 29.92 -10.68
C GLN A 464 5.57 29.22 -11.93
N SER A 465 5.25 29.79 -13.09
CA SER A 465 5.64 29.15 -14.34
C SER A 465 7.16 29.23 -14.55
N GLU A 466 7.66 28.56 -15.60
CA GLU A 466 9.09 28.49 -15.87
C GLU A 466 9.38 28.76 -17.34
N PRO A 467 10.30 29.70 -17.63
CA PRO A 467 10.79 29.98 -19.00
C PRO A 467 11.32 28.75 -19.74
N GLU A 468 10.99 28.62 -21.03
CA GLU A 468 11.48 27.52 -21.84
C GLU A 468 13.01 27.55 -21.96
N SER A 469 13.69 26.45 -21.63
CA SER A 469 15.15 26.36 -21.79
C SER A 469 15.54 26.65 -23.22
N VAL A 470 16.53 27.53 -23.41
CA VAL A 470 17.04 27.87 -24.74
C VAL A 470 17.96 26.80 -25.27
N ASP A 471 18.66 26.09 -24.37
CA ASP A 471 19.57 24.99 -24.75
C ASP A 471 18.82 23.73 -25.21
N VAL A 472 17.73 23.42 -24.50
CA VAL A 472 16.88 22.29 -24.82
C VAL A 472 15.44 22.77 -25.09
N PRO A 473 15.18 23.34 -26.29
CA PRO A 473 13.80 23.70 -26.66
C PRO A 473 12.90 22.50 -27.03
N ALA A 474 11.60 22.69 -26.85
CA ALA A 474 10.62 21.66 -27.10
C ALA A 474 9.95 21.89 -28.42
N GLN A 475 10.01 20.88 -29.29
CA GLN A 475 9.15 20.80 -30.47
C GLN A 475 7.76 20.34 -30.02
N PRO A 476 6.71 20.82 -30.71
CA PRO A 476 5.38 20.41 -30.25
C PRO A 476 5.10 18.95 -30.65
N ILE A 477 4.09 18.32 -30.05
CA ILE A 477 3.75 16.93 -30.38
C ILE A 477 2.70 16.94 -31.50
N THR A 478 2.99 16.18 -32.56
CA THR A 478 2.12 16.18 -33.74
C THR A 478 1.54 14.80 -34.02
N THR A 479 0.31 14.78 -34.53
CA THR A 479 -0.33 13.56 -34.97
C THR A 479 -0.79 13.77 -36.40
N THR A 480 -0.62 12.73 -37.23
CA THR A 480 -1.15 12.67 -38.61
C THR A 480 -2.69 12.65 -38.64
N PHE A 481 -3.29 12.78 -39.81
CA PHE A 481 -4.75 12.74 -39.93
C PHE A 481 -5.31 11.31 -39.72
N LEU A 482 -4.60 10.30 -40.24
CA LEU A 482 -5.04 8.91 -40.10
C LEU A 482 -5.03 8.47 -38.63
N GLU A 483 -3.89 8.67 -37.97
CA GLU A 483 -3.74 8.43 -36.53
C GLU A 483 -4.92 8.96 -35.73
N ARG A 484 -5.35 10.17 -36.05
CA ARG A 484 -6.42 10.80 -35.33
C ARG A 484 -7.78 10.21 -35.64
N HIS A 485 -7.95 9.67 -36.84
CA HIS A 485 -9.29 9.30 -37.29
C HIS A 485 -9.51 7.85 -37.64
N LEU A 486 -8.45 7.06 -37.79
CA LEU A 486 -8.63 5.65 -38.04
C LEU A 486 -9.48 5.05 -36.92
N PRO A 487 -10.40 4.13 -37.28
CA PRO A 487 -11.18 3.52 -36.22
C PRO A 487 -10.38 2.53 -35.33
N SER A 488 -11.00 2.16 -34.21
CA SER A 488 -10.49 1.12 -33.34
C SER A 488 -10.91 -0.22 -33.93
N VAL A 489 -10.42 -1.33 -33.38
CA VAL A 489 -10.88 -2.64 -33.84
C VAL A 489 -12.40 -2.80 -33.67
N PRO A 490 -12.97 -2.52 -32.46
CA PRO A 490 -14.43 -2.63 -32.39
C PRO A 490 -15.16 -1.57 -33.21
N GLY A 491 -14.54 -0.43 -33.44
CA GLY A 491 -15.13 0.58 -34.31
C GLY A 491 -15.16 0.17 -35.78
N LEU A 492 -14.18 -0.64 -36.18
CA LEU A 492 -14.16 -1.25 -37.50
C LEU A 492 -15.23 -2.34 -37.61
N LEU A 493 -15.32 -3.19 -36.59
CA LEU A 493 -16.32 -4.25 -36.55
C LEU A 493 -17.72 -3.69 -36.68
N ARG A 494 -18.01 -2.62 -35.93
CA ARG A 494 -19.30 -1.91 -35.96
C ARG A 494 -19.55 -1.28 -37.33
N LEU A 495 -18.49 -0.99 -38.07
CA LEU A 495 -18.66 -0.37 -39.37
C LEU A 495 -18.94 -1.43 -40.44
N ILE A 496 -18.22 -2.56 -40.36
CA ILE A 496 -18.54 -3.76 -41.14
C ILE A 496 -19.93 -4.29 -40.79
N GLY A 497 -20.29 -4.30 -39.51
CA GLY A 497 -21.62 -4.74 -39.09
C GLY A 497 -22.74 -3.92 -39.72
N LEU A 498 -22.45 -2.63 -39.97
CA LEU A 498 -23.42 -1.64 -40.44
C LEU A 498 -23.73 -1.76 -41.94
N THR A 499 -22.75 -2.25 -42.70
CA THR A 499 -22.91 -2.51 -44.15
C THR A 499 -23.53 -3.90 -44.42
N THR A 500 -23.79 -4.66 -43.36
CA THR A 500 -24.61 -5.87 -43.47
C THR A 500 -26.08 -5.52 -43.14
N ILE A 501 -26.30 -4.53 -42.28
CA ILE A 501 -27.65 -4.03 -42.02
C ILE A 501 -27.95 -2.69 -42.75
N ASN B 3 16.94 -2.86 31.05
CA ASN B 3 18.15 -2.73 30.20
C ASN B 3 18.43 -4.04 29.49
N LYS B 4 18.78 -5.09 30.23
CA LYS B 4 19.14 -6.36 29.62
C LYS B 4 18.15 -7.44 29.99
N CYS B 5 17.73 -8.24 29.00
CA CYS B 5 16.77 -9.32 29.22
C CYS B 5 16.96 -10.34 28.13
N ASP B 6 16.15 -11.38 28.15
CA ASP B 6 16.25 -12.40 27.11
C ASP B 6 15.55 -12.01 25.79
N VAL B 7 14.32 -11.48 25.89
CA VAL B 7 13.50 -11.15 24.72
C VAL B 7 12.80 -9.80 24.91
N VAL B 8 13.05 -8.87 24.00
CA VAL B 8 12.19 -7.71 23.85
C VAL B 8 11.03 -8.03 22.90
N VAL B 9 9.81 -7.77 23.39
CA VAL B 9 8.58 -7.91 22.61
C VAL B 9 8.18 -6.51 22.26
N VAL B 10 8.17 -6.21 20.97
CA VAL B 10 7.69 -4.92 20.52
C VAL B 10 6.14 -4.94 20.34
N GLY B 11 5.45 -4.23 21.22
CA GLY B 11 4.00 -4.06 21.17
C GLY B 11 3.22 -4.82 22.24
N GLY B 12 2.36 -4.12 22.95
CA GLY B 12 1.58 -4.79 23.96
C GLY B 12 0.11 -5.03 23.68
N GLY B 13 -0.23 -5.62 22.53
CA GLY B 13 -1.59 -6.02 22.23
C GLY B 13 -1.76 -7.49 22.56
N ILE B 14 -2.85 -8.11 22.15
CA ILE B 14 -3.06 -9.51 22.54
C ILE B 14 -1.88 -10.43 22.14
N SER B 15 -1.30 -10.18 20.98
CA SER B 15 -0.26 -11.04 20.41
C SER B 15 1.05 -10.90 21.18
N GLY B 16 1.52 -9.65 21.33
CA GLY B 16 2.66 -9.26 22.19
C GLY B 16 2.56 -9.82 23.61
N MET B 17 1.41 -9.62 24.25
CA MET B 17 1.18 -10.08 25.60
C MET B 17 1.12 -11.60 25.72
N ALA B 18 0.45 -12.29 24.78
CA ALA B 18 0.44 -13.75 24.76
C ALA B 18 1.86 -14.28 24.60
N ALA B 19 2.69 -13.55 23.84
CA ALA B 19 4.04 -13.99 23.54
C ALA B 19 4.89 -13.82 24.81
N ALA B 20 4.83 -12.61 25.38
CA ALA B 20 5.50 -12.30 26.64
C ALA B 20 5.08 -13.26 27.76
N LYS B 21 3.79 -13.53 27.90
CA LYS B 21 3.35 -14.44 28.95
C LYS B 21 3.98 -15.82 28.82
N LEU B 22 4.00 -16.37 27.60
CA LEU B 22 4.51 -17.70 27.35
C LEU B 22 5.98 -17.79 27.70
N LEU B 23 6.73 -16.74 27.39
CA LEU B 23 8.15 -16.70 27.61
C LEU B 23 8.47 -16.58 29.10
N HIS B 24 7.86 -15.61 29.76
CA HIS B 24 7.86 -15.51 31.23
C HIS B 24 7.47 -16.84 31.95
N ASP B 25 6.43 -17.51 31.48
CA ASP B 25 6.03 -18.79 32.07
C ASP B 25 7.08 -19.87 31.89
N SER B 26 8.07 -19.63 31.04
CA SER B 26 9.17 -20.56 30.79
C SER B 26 10.42 -20.16 31.56
N GLY B 27 10.32 -19.06 32.31
CA GLY B 27 11.40 -18.54 33.12
C GLY B 27 12.35 -17.59 32.43
N LEU B 28 12.02 -17.14 31.22
CA LEU B 28 12.85 -16.14 30.56
C LEU B 28 12.53 -14.72 31.02
N ASN B 29 13.47 -13.81 30.88
CA ASN B 29 13.22 -12.43 31.24
C ASN B 29 12.77 -11.62 30.04
N VAL B 30 11.51 -11.22 30.04
CA VAL B 30 10.93 -10.43 28.95
C VAL B 30 10.65 -8.96 29.33
N VAL B 31 10.80 -8.08 28.35
CA VAL B 31 10.31 -6.71 28.44
C VAL B 31 9.33 -6.47 27.26
N VAL B 32 8.12 -6.02 27.58
CA VAL B 32 7.19 -5.55 26.57
C VAL B 32 7.32 -4.04 26.41
N LEU B 33 7.71 -3.60 25.21
CA LEU B 33 7.72 -2.18 24.91
C LEU B 33 6.45 -1.79 24.12
N GLU B 34 5.55 -1.08 24.80
CA GLU B 34 4.27 -0.64 24.25
C GLU B 34 4.33 0.86 23.95
N ALA B 35 4.03 1.25 22.70
CA ALA B 35 4.13 2.67 22.30
C ALA B 35 3.12 3.62 22.96
N ARG B 36 1.93 3.10 23.24
CA ARG B 36 0.86 3.88 23.85
C ARG B 36 0.88 3.88 25.40
N ASP B 37 0.09 4.78 25.99
CA ASP B 37 -0.11 4.79 27.42
C ASP B 37 -1.07 3.75 27.96
N ARG B 38 -1.34 2.70 27.19
CA ARG B 38 -2.25 1.59 27.57
C ARG B 38 -1.88 0.33 26.79
N VAL B 39 -2.32 -0.83 27.23
CA VAL B 39 -2.07 -2.09 26.49
C VAL B 39 -3.39 -2.43 25.77
N GLY B 40 -3.43 -3.51 24.99
CA GLY B 40 -4.64 -3.87 24.28
C GLY B 40 -4.62 -3.61 22.78
N GLY B 41 -4.00 -2.51 22.35
CA GLY B 41 -3.91 -2.21 20.93
C GLY B 41 -5.27 -2.02 20.24
N ARG B 42 -5.64 -3.00 19.42
CA ARG B 42 -6.86 -2.97 18.64
C ARG B 42 -8.05 -3.46 19.43
N THR B 43 -7.81 -3.90 20.67
CA THR B 43 -8.88 -4.11 21.65
C THR B 43 -8.72 -2.92 22.58
N TYR B 44 -9.82 -2.43 23.13
CA TYR B 44 -9.79 -1.26 23.95
C TYR B 44 -11.14 -1.18 24.57
N THR B 45 -11.20 -1.52 25.87
CA THR B 45 -12.41 -1.41 26.69
C THR B 45 -12.47 -0.06 27.47
N LEU B 46 -13.48 0.73 27.14
CA LEU B 46 -13.75 1.99 27.80
C LEU B 46 -14.70 1.73 28.95
N ARG B 47 -14.46 2.43 30.06
CA ARG B 47 -15.30 2.30 31.25
C ARG B 47 -15.75 3.67 31.66
N ASN B 48 -17.03 3.82 31.89
CA ASN B 48 -17.55 5.04 32.52
C ASN B 48 -18.87 4.65 33.09
N GLN B 49 -19.47 5.55 33.84
CA GLN B 49 -20.76 5.29 34.47
C GLN B 49 -21.90 4.97 33.50
N LYS B 50 -21.88 5.62 32.33
CA LYS B 50 -22.93 5.53 31.31
C LYS B 50 -22.99 4.17 30.61
N VAL B 51 -21.83 3.61 30.33
CA VAL B 51 -21.78 2.34 29.60
C VAL B 51 -21.42 1.15 30.50
N LYS B 52 -20.95 1.46 31.72
CA LYS B 52 -20.28 0.52 32.63
C LYS B 52 -18.95 0.13 31.95
N TYR B 53 -18.99 -0.76 30.97
CA TYR B 53 -17.85 -0.94 30.08
C TYR B 53 -18.36 -1.10 28.63
N VAL B 54 -17.46 -0.87 27.67
CA VAL B 54 -17.74 -1.11 26.26
C VAL B 54 -16.48 -1.41 25.47
N ASP B 55 -16.51 -2.51 24.72
CA ASP B 55 -15.49 -2.80 23.69
C ASP B 55 -15.64 -1.85 22.50
N LEU B 56 -14.64 -1.00 22.30
CA LEU B 56 -14.59 -0.08 21.19
C LEU B 56 -13.67 -0.57 20.06
N GLY B 57 -12.93 -1.66 20.33
CA GLY B 57 -12.13 -2.35 19.33
C GLY B 57 -12.60 -3.80 19.19
N GLY B 58 -11.67 -4.72 19.01
CA GLY B 58 -12.03 -6.14 18.94
C GLY B 58 -12.82 -6.57 20.16
N SER B 59 -13.78 -7.48 19.94
CA SER B 59 -14.83 -7.80 20.88
C SER B 59 -15.35 -9.23 20.81
N TYR B 60 -15.70 -9.71 19.61
CA TYR B 60 -16.43 -10.99 19.47
C TYR B 60 -15.53 -12.20 19.48
N VAL B 61 -15.99 -13.31 20.06
CA VAL B 61 -15.23 -14.56 20.02
C VAL B 61 -16.25 -15.64 19.80
N GLY B 62 -15.82 -16.80 19.31
CA GLY B 62 -16.79 -17.87 19.09
C GLY B 62 -16.17 -19.22 18.94
N PRO B 63 -16.99 -20.22 18.62
CA PRO B 63 -16.55 -21.61 18.39
C PRO B 63 -15.39 -21.69 17.42
N THR B 64 -14.45 -22.58 17.71
CA THR B 64 -13.19 -22.79 16.95
C THR B 64 -12.12 -21.78 17.28
N GLN B 65 -12.45 -20.78 18.08
CA GLN B 65 -11.44 -19.80 18.49
C GLN B 65 -10.88 -20.25 19.83
N ASN B 66 -10.34 -21.46 19.86
CA ASN B 66 -9.92 -22.11 21.11
C ASN B 66 -8.76 -21.43 21.90
N ARG B 67 -7.87 -20.73 21.21
CA ARG B 67 -6.71 -20.14 21.89
C ARG B 67 -7.04 -18.91 22.72
N ILE B 68 -7.74 -17.95 22.12
CA ILE B 68 -8.21 -16.80 22.88
C ILE B 68 -9.14 -17.27 24.03
N LEU B 69 -9.96 -18.26 23.78
CA LEU B 69 -10.87 -18.73 24.81
C LEU B 69 -10.06 -19.34 26.00
N ARG B 70 -9.11 -20.22 25.70
CA ARG B 70 -8.31 -20.86 26.73
C ARG B 70 -7.57 -19.79 27.55
N LEU B 71 -6.90 -18.87 26.86
CA LEU B 71 -6.13 -17.81 27.50
C LEU B 71 -6.95 -16.89 28.39
N ALA B 72 -8.09 -16.45 27.86
CA ALA B 72 -8.99 -15.60 28.63
C ALA B 72 -9.52 -16.32 29.85
N LYS B 73 -9.86 -17.60 29.70
CA LYS B 73 -10.34 -18.44 30.82
C LYS B 73 -9.31 -18.54 31.96
N GLU B 74 -8.06 -18.76 31.57
CA GLU B 74 -6.95 -18.83 32.49
C GLU B 74 -6.79 -17.52 33.25
N LEU B 75 -7.09 -16.40 32.60
CA LEU B 75 -6.96 -15.10 33.24
C LEU B 75 -8.21 -14.77 34.09
N GLY B 76 -9.12 -15.74 34.16
CA GLY B 76 -10.28 -15.58 35.01
C GLY B 76 -11.45 -14.89 34.35
N LEU B 77 -11.49 -14.90 33.03
CA LEU B 77 -12.51 -14.19 32.26
C LEU B 77 -13.59 -15.13 31.84
N GLU B 78 -14.79 -14.58 31.65
CA GLU B 78 -15.97 -15.33 31.25
C GLU B 78 -16.58 -14.72 29.98
N THR B 79 -17.28 -15.53 29.19
CA THR B 79 -18.00 -15.07 28.01
C THR B 79 -19.49 -15.05 28.28
N TYR B 80 -20.25 -14.27 27.51
CA TYR B 80 -21.70 -14.48 27.43
C TYR B 80 -22.09 -14.45 25.97
N LYS B 81 -23.23 -15.04 25.65
CA LYS B 81 -23.76 -15.09 24.29
C LYS B 81 -24.36 -13.74 23.83
N VAL B 82 -23.88 -13.21 22.70
CA VAL B 82 -24.55 -12.13 21.93
C VAL B 82 -26.01 -12.51 21.68
N ASN B 83 -26.91 -11.54 21.83
CA ASN B 83 -28.33 -11.81 21.63
C ASN B 83 -28.76 -12.13 20.19
N GLU B 84 -29.29 -13.34 20.01
CA GLU B 84 -29.83 -13.82 18.75
C GLU B 84 -31.06 -14.72 19.02
N VAL B 85 -31.83 -14.42 20.06
CA VAL B 85 -33.03 -15.20 20.35
C VAL B 85 -34.15 -14.88 19.35
N GLU B 86 -34.40 -13.60 19.15
CA GLU B 86 -35.51 -13.14 18.25
C GLU B 86 -35.07 -13.05 16.76
N ARG B 87 -35.85 -12.38 15.91
CA ARG B 87 -35.59 -12.41 14.47
C ARG B 87 -34.50 -11.44 14.05
N LEU B 88 -33.76 -11.82 13.01
CA LEU B 88 -32.79 -10.93 12.37
C LEU B 88 -33.58 -10.09 11.36
N ILE B 89 -33.04 -8.98 10.91
CA ILE B 89 -33.60 -8.19 9.84
C ILE B 89 -32.61 -8.02 8.68
N HIS B 90 -33.14 -8.26 7.47
CA HIS B 90 -32.49 -7.79 6.24
C HIS B 90 -33.29 -6.61 5.69
N HIS B 91 -32.65 -5.45 5.63
CA HIS B 91 -33.25 -4.27 5.00
C HIS B 91 -32.70 -4.06 3.55
N VAL B 92 -33.60 -4.23 2.60
CA VAL B 92 -33.25 -4.17 1.19
C VAL B 92 -34.27 -3.30 0.48
N LYS B 93 -33.78 -2.44 -0.41
CA LYS B 93 -34.58 -1.45 -1.16
C LYS B 93 -35.61 -0.80 -0.22
N GLY B 94 -35.11 -0.33 0.94
CA GLY B 94 -35.88 0.45 1.92
C GLY B 94 -37.01 -0.23 2.68
N LYS B 95 -36.95 -1.55 2.79
CA LYS B 95 -37.97 -2.34 3.51
C LYS B 95 -37.32 -3.41 4.37
N SER B 96 -37.87 -3.65 5.56
CA SER B 96 -37.31 -4.68 6.46
C SER B 96 -37.99 -6.01 6.29
N TYR B 97 -37.20 -7.07 6.13
CA TYR B 97 -37.71 -8.41 5.99
C TYR B 97 -37.08 -9.21 7.12
N PRO B 98 -37.85 -9.49 8.18
CA PRO B 98 -37.34 -10.28 9.28
C PRO B 98 -37.11 -11.74 8.88
N PHE B 99 -36.15 -12.41 9.51
CA PHE B 99 -35.83 -13.80 9.17
C PHE B 99 -35.15 -14.51 10.34
N ARG B 100 -35.04 -15.83 10.25
CA ARG B 100 -34.26 -16.65 11.22
C ARG B 100 -33.11 -17.44 10.55
N GLY B 101 -32.19 -18.01 11.32
CA GLY B 101 -31.04 -18.67 10.72
C GLY B 101 -30.02 -17.60 10.39
N PRO B 102 -28.83 -17.99 9.91
CA PRO B 102 -27.71 -17.04 9.65
C PRO B 102 -27.71 -16.36 8.27
N PHE B 103 -28.39 -16.98 7.31
CA PHE B 103 -28.45 -16.50 5.93
C PHE B 103 -29.76 -15.78 5.62
N PRO B 104 -29.70 -14.52 5.15
CA PRO B 104 -30.98 -13.87 4.75
C PRO B 104 -31.63 -14.66 3.60
N PRO B 105 -32.95 -14.94 3.70
CA PRO B 105 -33.54 -15.78 2.66
C PRO B 105 -33.73 -15.01 1.36
N VAL B 106 -33.79 -15.73 0.27
CA VAL B 106 -33.99 -15.09 -1.01
C VAL B 106 -35.08 -15.89 -1.71
N TRP B 107 -36.06 -15.19 -2.26
CA TRP B 107 -37.26 -15.83 -2.73
C TRP B 107 -37.37 -16.02 -4.23
N ASN B 108 -36.87 -15.08 -5.02
CA ASN B 108 -36.83 -15.28 -6.47
C ASN B 108 -35.93 -16.46 -6.80
N PRO B 109 -36.44 -17.44 -7.61
CA PRO B 109 -35.74 -18.65 -8.05
C PRO B 109 -34.38 -18.42 -8.69
N ILE B 110 -34.32 -17.50 -9.64
CA ILE B 110 -33.08 -17.23 -10.37
C ILE B 110 -32.05 -16.64 -9.40
N THR B 111 -32.51 -15.67 -8.62
CA THR B 111 -31.69 -15.00 -7.61
C THR B 111 -31.18 -16.01 -6.58
N TYR B 112 -32.07 -16.92 -6.15
CA TYR B 112 -31.74 -17.93 -5.20
C TYR B 112 -30.57 -18.75 -5.71
N LEU B 113 -30.57 -19.05 -7.01
CA LEU B 113 -29.51 -19.89 -7.61
C LEU B 113 -28.16 -19.16 -7.63
N ASP B 114 -28.21 -17.85 -7.86
CA ASP B 114 -27.04 -17.01 -8.01
C ASP B 114 -26.38 -16.76 -6.66
N HIS B 115 -27.19 -16.42 -5.65
CA HIS B 115 -26.77 -16.33 -4.26
C HIS B 115 -26.12 -17.63 -3.82
N ASN B 116 -26.83 -18.75 -3.98
CA ASN B 116 -26.38 -20.04 -3.55
C ASN B 116 -25.03 -20.32 -4.14
N ASN B 117 -24.89 -20.10 -5.45
CA ASN B 117 -23.62 -20.38 -6.13
C ASN B 117 -22.51 -19.47 -5.65
N PHE B 118 -22.84 -18.22 -5.35
CA PHE B 118 -21.79 -17.27 -4.97
C PHE B 118 -21.03 -17.73 -3.72
N TRP B 119 -21.77 -18.10 -2.67
CA TRP B 119 -21.20 -18.51 -1.38
C TRP B 119 -20.51 -19.83 -1.53
N ARG B 120 -21.20 -20.77 -2.15
CA ARG B 120 -20.64 -22.06 -2.44
C ARG B 120 -19.28 -21.91 -3.15
N THR B 121 -19.21 -21.03 -4.14
CA THR B 121 -17.99 -20.82 -4.92
C THR B 121 -16.86 -20.19 -4.09
N MET B 122 -17.21 -19.27 -3.19
CA MET B 122 -16.25 -18.77 -2.20
C MET B 122 -15.56 -19.92 -1.44
N ASP B 123 -16.36 -20.85 -0.94
CA ASP B 123 -15.83 -21.96 -0.17
C ASP B 123 -15.07 -22.97 -1.05
N ASP B 124 -15.62 -23.33 -2.23
CA ASP B 124 -14.93 -24.17 -3.25
C ASP B 124 -13.55 -23.60 -3.55
N MET B 125 -13.53 -22.32 -3.90
CA MET B 125 -12.25 -21.68 -4.21
C MET B 125 -11.29 -21.78 -3.04
N GLY B 126 -11.81 -21.54 -1.84
CA GLY B 126 -11.02 -21.57 -0.59
C GLY B 126 -10.33 -22.91 -0.34
N ARG B 127 -10.95 -23.98 -0.80
CA ARG B 127 -10.44 -25.33 -0.64
C ARG B 127 -9.09 -25.59 -1.30
N GLU B 128 -8.70 -24.72 -2.22
CA GLU B 128 -7.50 -24.90 -3.01
C GLU B 128 -6.46 -23.97 -2.46
N ILE B 129 -6.80 -23.25 -1.40
CA ILE B 129 -5.88 -22.29 -0.82
C ILE B 129 -5.33 -22.83 0.52
N PRO B 130 -4.04 -23.22 0.55
CA PRO B 130 -3.45 -23.58 1.85
C PRO B 130 -3.46 -22.39 2.83
N SER B 131 -3.83 -22.65 4.08
CA SER B 131 -3.92 -21.61 5.10
C SER B 131 -2.59 -21.02 5.45
N ASP B 132 -1.57 -21.86 5.46
CA ASP B 132 -0.24 -21.40 5.85
C ASP B 132 0.59 -20.93 4.66
N ALA B 133 0.01 -20.99 3.45
CA ALA B 133 0.78 -20.67 2.25
C ALA B 133 -0.18 -20.43 1.11
N PRO B 134 -1.01 -19.37 1.23
CA PRO B 134 -1.99 -19.09 0.19
C PRO B 134 -1.38 -18.95 -1.19
N TRP B 135 -0.16 -18.40 -1.27
CA TRP B 135 0.63 -18.18 -2.52
C TRP B 135 0.96 -19.47 -3.28
N LYS B 136 0.63 -20.61 -2.68
CA LYS B 136 0.73 -21.91 -3.29
C LYS B 136 -0.57 -22.47 -3.82
N ALA B 137 -1.64 -21.69 -3.76
CA ALA B 137 -2.87 -22.11 -4.40
C ALA B 137 -2.49 -22.37 -5.85
N PRO B 138 -3.10 -23.39 -6.51
CA PRO B 138 -2.74 -23.66 -7.90
C PRO B 138 -2.96 -22.47 -8.85
N LEU B 139 -3.98 -21.65 -8.60
CA LEU B 139 -4.30 -20.46 -9.41
C LEU B 139 -3.95 -19.16 -8.70
N ALA B 140 -2.89 -19.20 -7.88
CA ALA B 140 -2.56 -18.09 -7.02
C ALA B 140 -2.37 -16.77 -7.77
N GLU B 141 -1.58 -16.80 -8.84
CA GLU B 141 -1.27 -15.56 -9.58
C GLU B 141 -2.54 -15.05 -10.23
N GLU B 142 -3.28 -15.96 -10.86
CA GLU B 142 -4.52 -15.60 -11.53
C GLU B 142 -5.46 -14.91 -10.54
N TRP B 143 -5.62 -15.51 -9.34
CA TRP B 143 -6.54 -15.01 -8.31
C TRP B 143 -5.99 -13.78 -7.60
N ASP B 144 -4.66 -13.62 -7.59
CA ASP B 144 -4.03 -12.48 -6.93
C ASP B 144 -3.93 -11.23 -7.77
N ASN B 145 -3.98 -11.38 -9.08
CA ASN B 145 -3.89 -10.26 -9.98
C ASN B 145 -5.25 -9.66 -10.32
N MET B 146 -6.30 -10.14 -9.64
CA MET B 146 -7.65 -9.61 -9.81
C MET B 146 -8.18 -9.14 -8.46
N THR B 147 -9.00 -8.08 -8.44
CA THR B 147 -9.56 -7.58 -7.21
C THR B 147 -10.80 -8.43 -6.88
N MET B 148 -11.32 -8.34 -5.66
CA MET B 148 -12.63 -8.95 -5.40
C MET B 148 -13.71 -8.34 -6.26
N LYS B 149 -13.62 -7.08 -6.64
CA LYS B 149 -14.63 -6.49 -7.56
C LYS B 149 -14.69 -7.23 -8.91
N GLU B 150 -13.55 -7.50 -9.56
CA GLU B 150 -13.54 -8.35 -10.76
C GLU B 150 -14.13 -9.70 -10.48
N LEU B 151 -13.70 -10.41 -9.44
CA LEU B 151 -14.33 -11.68 -9.14
C LEU B 151 -15.87 -11.58 -9.03
N LEU B 152 -16.40 -10.60 -8.29
CA LEU B 152 -17.84 -10.50 -8.10
C LEU B 152 -18.52 -10.23 -9.42
N ASP B 153 -17.91 -9.42 -10.26
CA ASP B 153 -18.47 -9.09 -11.59
C ASP B 153 -18.60 -10.33 -12.47
N LYS B 154 -17.67 -11.26 -12.32
CA LYS B 154 -17.62 -12.48 -13.07
C LYS B 154 -18.70 -13.44 -12.61
N LEU B 155 -18.83 -13.60 -11.29
CA LEU B 155 -19.61 -14.64 -10.61
C LEU B 155 -21.07 -14.34 -10.41
N CYS B 156 -21.39 -13.07 -10.21
CA CYS B 156 -22.71 -12.70 -9.80
C CYS B 156 -23.50 -12.31 -11.00
N TRP B 157 -24.42 -13.16 -11.40
CA TRP B 157 -25.31 -12.81 -12.52
C TRP B 157 -26.46 -11.89 -12.12
N THR B 158 -26.67 -11.67 -10.81
CA THR B 158 -27.76 -10.79 -10.35
C THR B 158 -27.22 -9.64 -9.53
N GLU B 159 -27.93 -8.50 -9.55
CA GLU B 159 -27.43 -7.33 -8.81
C GLU B 159 -27.58 -7.49 -7.32
N SER B 160 -28.65 -8.16 -6.94
CA SER B 160 -28.90 -8.55 -5.59
C SER B 160 -27.76 -9.42 -5.01
N ALA B 161 -27.27 -10.43 -5.72
CA ALA B 161 -26.22 -11.27 -5.15
C ALA B 161 -24.98 -10.44 -5.03
N LYS B 162 -24.75 -9.61 -6.04
CA LYS B 162 -23.59 -8.74 -6.09
C LYS B 162 -23.55 -7.68 -4.97
N GLN B 163 -24.69 -7.05 -4.72
CA GLN B 163 -24.78 -6.12 -3.59
C GLN B 163 -24.46 -6.78 -2.23
N LEU B 164 -25.02 -7.97 -1.98
CA LEU B 164 -24.85 -8.64 -0.73
C LEU B 164 -23.40 -9.15 -0.55
N ALA B 165 -22.82 -9.62 -1.63
CA ALA B 165 -21.47 -10.12 -1.62
C ALA B 165 -20.54 -8.94 -1.36
N THR B 166 -20.89 -7.77 -1.87
CA THR B 166 -20.10 -6.52 -1.65
C THR B 166 -20.15 -6.07 -0.21
N LEU B 167 -21.36 -6.11 0.38
CA LEU B 167 -21.55 -5.81 1.79
C LEU B 167 -20.71 -6.78 2.65
N PHE B 168 -20.81 -8.06 2.32
CA PHE B 168 -20.03 -9.12 2.93
C PHE B 168 -18.54 -8.76 2.97
N VAL B 169 -17.94 -8.43 1.82
CA VAL B 169 -16.53 -8.09 1.77
C VAL B 169 -16.27 -6.87 2.63
N ASN B 170 -17.08 -5.81 2.44
CA ASN B 170 -16.87 -4.56 3.17
C ASN B 170 -16.85 -4.83 4.68
N LEU B 171 -17.74 -5.72 5.16
CA LEU B 171 -17.93 -6.01 6.56
C LEU B 171 -16.81 -6.88 7.09
N CYS B 172 -16.40 -7.88 6.30
CA CYS B 172 -15.32 -8.80 6.67
C CYS B 172 -14.03 -8.09 6.80
N VAL B 173 -13.73 -7.16 5.87
CA VAL B 173 -12.32 -6.65 5.83
C VAL B 173 -12.19 -5.17 5.81
N THR B 174 -13.30 -4.47 6.12
CA THR B 174 -13.33 -3.02 6.19
C THR B 174 -12.61 -2.32 4.97
N ALA B 175 -12.81 -2.87 3.78
CA ALA B 175 -12.23 -2.35 2.56
C ALA B 175 -13.18 -2.60 1.41
N GLU B 176 -12.96 -1.86 0.32
CA GLU B 176 -13.78 -1.97 -0.89
C GLU B 176 -13.31 -3.17 -1.69
N THR B 177 -14.25 -3.79 -2.39
CA THR B 177 -13.97 -4.97 -3.22
C THR B 177 -12.88 -4.70 -4.26
N HIS B 178 -12.83 -3.47 -4.75
CA HIS B 178 -11.81 -3.05 -5.74
C HIS B 178 -10.45 -2.76 -5.08
N GLU B 179 -10.40 -2.79 -3.75
CA GLU B 179 -9.16 -2.50 -3.06
C GLU B 179 -8.36 -3.75 -2.84
N VAL B 180 -9.02 -4.90 -2.80
CA VAL B 180 -8.36 -6.09 -2.28
C VAL B 180 -8.21 -7.20 -3.30
N SER B 181 -7.15 -7.99 -3.14
CA SER B 181 -6.91 -9.14 -3.97
C SER B 181 -7.93 -10.23 -3.70
N ALA B 182 -8.41 -10.84 -4.78
CA ALA B 182 -9.32 -11.95 -4.70
C ALA B 182 -8.71 -13.14 -3.92
N LEU B 183 -7.45 -13.48 -4.22
CA LEU B 183 -6.73 -14.56 -3.54
C LEU B 183 -6.63 -14.29 -2.01
N TRP B 184 -6.27 -13.08 -1.65
CA TRP B 184 -6.12 -12.79 -0.23
C TRP B 184 -7.49 -12.89 0.47
N PHE B 185 -8.52 -12.33 -0.14
CA PHE B 185 -9.81 -12.28 0.52
C PHE B 185 -10.35 -13.71 0.70
N LEU B 186 -10.22 -14.52 -0.36
CA LEU B 186 -10.65 -15.93 -0.34
C LEU B 186 -9.86 -16.74 0.68
N TRP B 187 -8.56 -16.48 0.77
CA TRP B 187 -7.76 -17.06 1.84
C TRP B 187 -8.28 -16.64 3.19
N TYR B 188 -8.46 -15.33 3.39
CA TYR B 188 -8.93 -14.77 4.65
C TYR B 188 -10.15 -15.50 5.16
N VAL B 189 -11.14 -15.67 4.30
CA VAL B 189 -12.39 -16.30 4.70
C VAL B 189 -12.15 -17.76 4.99
N LYS B 190 -11.47 -18.46 4.10
CA LYS B 190 -11.19 -19.88 4.31
C LYS B 190 -10.44 -20.13 5.65
N GLN B 191 -9.49 -19.29 6.01
CA GLN B 191 -8.74 -19.53 7.23
C GLN B 191 -9.57 -19.31 8.52
N CYS B 192 -10.79 -18.77 8.40
CA CYS B 192 -11.68 -18.61 9.55
C CYS B 192 -12.67 -19.76 9.55
N GLY B 193 -12.49 -20.70 8.61
CA GLY B 193 -13.36 -21.86 8.54
C GLY B 193 -14.46 -21.78 7.51
N GLY B 194 -14.47 -20.75 6.65
CA GLY B 194 -15.46 -20.66 5.55
C GLY B 194 -16.54 -19.63 5.81
N THR B 195 -17.42 -19.44 4.83
CA THR B 195 -18.42 -18.40 4.87
C THR B 195 -19.38 -18.52 6.06
N THR B 196 -19.89 -19.72 6.34
CA THR B 196 -20.85 -19.88 7.42
C THR B 196 -20.23 -19.60 8.77
N ARG B 197 -19.03 -20.14 9.00
CA ARG B 197 -18.39 -19.93 10.27
C ARG B 197 -18.12 -18.46 10.51
N ILE B 198 -17.69 -17.76 9.47
CA ILE B 198 -17.27 -16.38 9.63
C ILE B 198 -18.43 -15.37 9.81
N ILE B 199 -19.58 -15.67 9.25
CA ILE B 199 -20.72 -14.74 9.29
C ILE B 199 -21.71 -15.03 10.46
N SER B 200 -21.67 -16.24 11.01
CA SER B 200 -22.64 -16.68 11.95
C SER B 200 -22.40 -16.02 13.32
N THR B 201 -23.50 -15.73 14.02
CA THR B 201 -23.50 -15.39 15.46
C THR B 201 -23.58 -16.74 16.20
N THR B 202 -24.76 -17.32 16.36
CA THR B 202 -24.87 -18.72 16.83
C THR B 202 -24.00 -19.66 15.99
N ASN B 203 -23.03 -20.29 16.65
CA ASN B 203 -22.11 -21.26 16.03
C ASN B 203 -21.03 -20.67 15.10
N GLY B 204 -20.64 -19.41 15.29
CA GLY B 204 -19.65 -18.75 14.44
C GLY B 204 -18.88 -17.66 15.16
N GLY B 205 -18.13 -16.86 14.42
CA GLY B 205 -17.25 -15.87 15.04
C GLY B 205 -17.86 -14.80 15.96
N GLN B 206 -19.18 -14.62 15.88
CA GLN B 206 -19.80 -13.52 16.64
C GLN B 206 -20.66 -14.02 17.78
N GLU B 207 -20.54 -15.29 18.13
CA GLU B 207 -21.35 -15.86 19.20
C GLU B 207 -21.26 -15.14 20.54
N ARG B 208 -20.11 -14.62 20.91
CA ARG B 208 -19.86 -14.32 22.31
C ARG B 208 -19.04 -13.10 22.46
N LYS B 209 -19.14 -12.44 23.61
CA LYS B 209 -18.22 -11.38 24.01
C LYS B 209 -17.68 -11.72 25.42
N PHE B 210 -16.65 -11.02 25.89
CA PHE B 210 -16.18 -11.24 27.26
C PHE B 210 -16.91 -10.34 28.27
N VAL B 211 -17.43 -10.98 29.32
CA VAL B 211 -17.96 -10.23 30.47
C VAL B 211 -16.89 -9.20 30.91
N GLY B 212 -17.21 -7.92 30.84
CA GLY B 212 -16.28 -6.85 31.25
C GLY B 212 -15.37 -6.25 30.19
N GLY B 213 -15.34 -6.83 28.99
CA GLY B 213 -14.49 -6.26 27.95
C GLY B 213 -13.29 -7.14 27.61
N SER B 214 -12.99 -7.23 26.32
CA SER B 214 -11.79 -7.92 25.81
C SER B 214 -10.46 -7.23 26.22
N GLY B 215 -10.52 -5.93 26.50
CA GLY B 215 -9.35 -5.21 27.02
C GLY B 215 -8.71 -5.91 28.22
N GLN B 216 -9.50 -6.64 28.99
CA GLN B 216 -9.03 -7.32 30.17
C GLN B 216 -7.96 -8.37 29.81
N VAL B 217 -7.95 -8.90 28.59
CA VAL B 217 -6.95 -9.91 28.25
C VAL B 217 -5.56 -9.33 28.38
N SER B 218 -5.33 -8.18 27.76
CA SER B 218 -4.04 -7.57 27.83
C SER B 218 -3.74 -7.00 29.21
N GLU B 219 -4.72 -6.34 29.81
CA GLU B 219 -4.64 -5.78 31.17
C GLU B 219 -4.20 -6.84 32.19
N ARG B 220 -4.84 -8.00 32.16
CA ARG B 220 -4.57 -9.04 33.12
C ARG B 220 -3.20 -9.65 32.93
N ILE B 221 -2.76 -9.79 31.66
CA ILE B 221 -1.35 -10.20 31.41
C ILE B 221 -0.36 -9.15 31.91
N MET B 222 -0.58 -7.87 31.60
CA MET B 222 0.25 -6.79 32.12
C MET B 222 0.28 -6.83 33.65
N ASP B 223 -0.87 -7.15 34.27
CA ASP B 223 -0.94 -7.31 35.72
C ASP B 223 0.03 -8.42 36.19
N LEU B 224 -0.04 -9.61 35.56
CA LEU B 224 0.92 -10.72 35.77
C LEU B 224 2.41 -10.37 35.52
N LEU B 225 2.69 -9.51 34.55
CA LEU B 225 4.09 -9.22 34.22
C LEU B 225 4.66 -8.05 35.05
N GLY B 226 3.81 -7.42 35.85
CA GLY B 226 4.22 -6.23 36.59
C GLY B 226 4.92 -5.19 35.73
N ASP B 227 6.08 -4.74 36.19
CA ASP B 227 6.81 -3.66 35.54
C ASP B 227 7.71 -4.09 34.37
N ARG B 228 7.56 -5.34 33.94
CA ARG B 228 8.17 -5.81 32.68
C ARG B 228 7.55 -5.13 31.42
N VAL B 229 6.30 -4.70 31.55
CA VAL B 229 5.61 -3.96 30.50
C VAL B 229 5.93 -2.47 30.59
N LYS B 230 6.58 -1.93 29.55
CA LYS B 230 6.89 -0.49 29.51
C LYS B 230 5.93 0.25 28.59
N LEU B 231 5.12 1.14 29.18
CA LEU B 231 4.16 1.96 28.43
C LEU B 231 4.79 3.26 27.96
N GLU B 232 4.29 3.82 26.86
CA GLU B 232 4.84 5.02 26.26
C GLU B 232 6.31 4.86 25.91
N ARG B 233 6.63 3.64 25.46
CA ARG B 233 7.92 3.31 24.88
C ARG B 233 7.81 2.95 23.37
N PRO B 234 7.56 3.95 22.52
CA PRO B 234 7.55 3.64 21.11
C PRO B 234 8.95 3.28 20.62
N VAL B 235 9.11 2.10 20.07
CA VAL B 235 10.38 1.72 19.45
C VAL B 235 10.68 2.56 18.18
N ILE B 236 11.89 3.08 18.08
CA ILE B 236 12.29 3.86 16.91
C ILE B 236 13.48 3.23 16.19
N TYR B 237 14.15 2.28 16.84
CA TYR B 237 15.42 1.80 16.31
C TYR B 237 15.75 0.38 16.74
N ILE B 238 16.20 -0.44 15.78
CA ILE B 238 16.63 -1.79 16.07
C ILE B 238 17.95 -2.11 15.37
N ASP B 239 18.95 -2.41 16.20
CA ASP B 239 20.32 -2.67 15.77
C ASP B 239 20.72 -4.12 16.06
N GLN B 240 20.99 -4.86 15.00
CA GLN B 240 21.37 -6.27 15.10
C GLN B 240 22.82 -6.50 14.60
N THR B 241 23.65 -5.45 14.60
CA THR B 241 25.02 -5.52 14.04
C THR B 241 26.00 -6.12 15.04
N ARG B 242 25.66 -6.01 16.33
CA ARG B 242 26.55 -6.49 17.40
C ARG B 242 26.10 -7.84 17.96
N GLU B 243 26.70 -8.23 19.10
CA GLU B 243 26.49 -9.54 19.76
C GLU B 243 25.04 -9.72 20.29
N ASN B 244 24.55 -8.69 20.97
CA ASN B 244 23.17 -8.64 21.44
C ASN B 244 22.35 -7.66 20.61
N VAL B 245 21.04 -7.95 20.48
CA VAL B 245 20.12 -7.03 19.78
C VAL B 245 19.92 -5.79 20.65
N LEU B 246 20.05 -4.61 20.04
CA LEU B 246 19.77 -3.31 20.67
C LEU B 246 18.46 -2.67 20.15
N VAL B 247 17.59 -2.29 21.08
CA VAL B 247 16.31 -1.71 20.78
C VAL B 247 16.21 -0.38 21.51
N GLU B 248 16.07 0.68 20.74
CA GLU B 248 15.92 1.99 21.32
C GLU B 248 14.51 2.52 21.21
N THR B 249 14.05 3.17 22.26
CA THR B 249 12.73 3.77 22.28
C THR B 249 12.84 5.28 22.10
N LEU B 250 11.70 5.89 21.77
CA LEU B 250 11.62 7.28 21.36
C LEU B 250 12.06 8.21 22.48
N ASN B 251 11.75 7.84 23.72
CA ASN B 251 12.15 8.62 24.90
C ASN B 251 13.61 8.42 25.29
N HIS B 252 14.32 7.61 24.52
CA HIS B 252 15.79 7.48 24.55
C HIS B 252 16.31 6.25 25.28
N GLU B 253 15.42 5.50 25.91
CA GLU B 253 15.82 4.29 26.60
C GLU B 253 16.37 3.28 25.62
N MET B 254 17.20 2.38 26.14
CA MET B 254 17.91 1.41 25.34
C MET B 254 17.74 0.06 26.00
N TYR B 255 17.42 -0.95 25.19
CA TYR B 255 17.17 -2.31 25.71
C TYR B 255 18.02 -3.32 24.96
N GLU B 256 18.57 -4.28 25.69
CA GLU B 256 19.37 -5.33 25.06
C GLU B 256 18.78 -6.69 25.27
N ALA B 257 18.78 -7.49 24.21
CA ALA B 257 18.18 -8.80 24.31
C ALA B 257 18.88 -9.79 23.42
N LYS B 258 18.60 -11.06 23.65
CA LYS B 258 19.07 -12.10 22.76
C LYS B 258 18.20 -12.13 21.50
N TYR B 259 16.89 -11.92 21.66
CA TYR B 259 15.95 -11.91 20.54
C TYR B 259 14.87 -10.83 20.70
N VAL B 260 14.18 -10.55 19.60
CA VAL B 260 13.08 -9.60 19.56
C VAL B 260 11.87 -10.25 18.90
N ILE B 261 10.69 -9.94 19.44
CA ILE B 261 9.42 -10.23 18.78
C ILE B 261 8.76 -8.93 18.36
N SER B 262 8.53 -8.78 17.06
CA SER B 262 7.78 -7.66 16.51
C SER B 262 6.32 -8.11 16.50
N ALA B 263 5.52 -7.50 17.37
CA ALA B 263 4.14 -7.92 17.53
C ALA B 263 3.19 -6.76 17.22
N ILE B 264 3.57 -6.01 16.20
CA ILE B 264 2.84 -4.82 15.70
C ILE B 264 2.39 -5.12 14.26
N PRO B 265 1.36 -4.40 13.78
CA PRO B 265 0.91 -4.56 12.37
C PRO B 265 2.06 -4.43 11.37
N PRO B 266 2.07 -5.32 10.34
CA PRO B 266 3.23 -5.39 9.47
C PRO B 266 3.70 -4.00 9.03
N THR B 267 2.81 -3.17 8.49
CA THR B 267 3.21 -1.87 8.00
C THR B 267 3.82 -0.94 9.06
N LEU B 268 3.46 -1.10 10.32
CA LEU B 268 3.98 -0.24 11.39
C LEU B 268 5.48 -0.51 11.65
N GLY B 269 5.98 -1.61 11.11
CA GLY B 269 7.44 -1.81 11.03
C GLY B 269 8.20 -0.64 10.41
N MET B 270 7.49 0.19 9.65
CA MET B 270 8.04 1.35 8.94
C MET B 270 8.46 2.45 9.93
N LYS B 271 7.84 2.43 11.12
CA LYS B 271 8.14 3.42 12.17
C LYS B 271 9.46 3.13 12.91
N ILE B 272 10.12 2.02 12.53
CA ILE B 272 11.39 1.61 13.09
C ILE B 272 12.53 1.73 12.05
N HIS B 273 13.60 2.40 12.44
CA HIS B 273 14.82 2.43 11.64
C HIS B 273 15.67 1.20 11.97
N PHE B 274 16.17 0.52 10.94
CA PHE B 274 16.85 -0.75 11.13
C PHE B 274 18.30 -0.67 10.76
N ASN B 275 19.14 -1.33 11.54
CA ASN B 275 20.54 -1.48 11.21
C ASN B 275 20.88 -2.89 11.53
N PRO B 276 21.34 -3.67 10.53
CA PRO B 276 21.50 -3.26 9.12
C PRO B 276 20.11 -3.07 8.48
N PRO B 277 20.05 -2.54 7.25
CA PRO B 277 18.72 -2.35 6.61
C PRO B 277 17.97 -3.70 6.53
N LEU B 278 16.65 -3.68 6.51
CA LEU B 278 15.89 -4.91 6.33
C LEU B 278 16.25 -5.52 4.97
N PRO B 279 16.11 -6.84 4.83
CA PRO B 279 16.29 -7.39 3.49
C PRO B 279 15.30 -6.73 2.51
N MET B 280 15.65 -6.73 1.25
CA MET B 280 14.88 -6.04 0.20
C MET B 280 13.38 -6.37 0.21
N MET B 281 13.02 -7.65 0.41
CA MET B 281 11.64 -8.05 0.27
C MET B 281 10.78 -7.50 1.39
N ARG B 282 11.24 -7.65 2.65
CA ARG B 282 10.57 -7.01 3.79
C ARG B 282 10.57 -5.49 3.72
N ASN B 283 11.69 -4.93 3.29
CA ASN B 283 11.76 -3.49 3.09
C ASN B 283 10.58 -2.95 2.28
N GLN B 284 10.24 -3.64 1.18
CA GLN B 284 9.17 -3.14 0.31
C GLN B 284 7.83 -3.69 0.78
N MET B 285 7.82 -4.90 1.35
CA MET B 285 6.59 -5.51 1.88
C MET B 285 5.87 -4.52 2.79
N ILE B 286 6.60 -3.89 3.70
CA ILE B 286 5.93 -3.10 4.74
C ILE B 286 5.29 -1.79 4.27
N THR B 287 5.51 -1.47 2.99
CA THR B 287 4.96 -0.25 2.35
C THR B 287 3.77 -0.60 1.48
N ARG B 288 3.36 -1.90 1.53
CA ARG B 288 2.37 -2.48 0.59
C ARG B 288 1.15 -3.19 1.26
N VAL B 289 0.99 -3.02 2.59
CA VAL B 289 0.04 -3.83 3.33
C VAL B 289 -0.71 -2.89 4.29
N PRO B 290 -1.68 -2.14 3.77
CA PRO B 290 -2.37 -1.19 4.62
C PRO B 290 -3.43 -1.88 5.50
N LEU B 291 -3.97 -1.15 6.47
CA LEU B 291 -5.10 -1.63 7.26
C LEU B 291 -6.38 -0.93 6.78
N GLY B 292 -7.51 -1.60 6.97
CA GLY B 292 -8.81 -1.09 6.61
C GLY B 292 -9.28 0.10 7.44
N SER B 293 -10.49 0.54 7.12
CA SER B 293 -11.09 1.74 7.64
C SER B 293 -12.42 1.44 8.30
N VAL B 294 -12.57 1.81 9.57
CA VAL B 294 -13.77 1.49 10.33
C VAL B 294 -13.95 2.47 11.49
N ILE B 295 -15.18 2.93 11.70
CA ILE B 295 -15.57 3.58 12.95
C ILE B 295 -16.51 2.60 13.63
N LYS B 296 -16.18 2.18 14.85
CA LYS B 296 -17.11 1.39 15.65
C LYS B 296 -18.03 2.34 16.45
N CYS B 297 -19.35 2.08 16.41
CA CYS B 297 -20.34 3.04 16.92
C CYS B 297 -21.36 2.30 17.75
N ILE B 298 -21.63 2.77 18.97
CA ILE B 298 -22.53 2.06 19.89
C ILE B 298 -23.56 3.06 20.42
N VAL B 299 -24.84 2.83 20.13
CA VAL B 299 -25.91 3.72 20.53
C VAL B 299 -26.68 3.06 21.69
N TYR B 300 -26.88 3.83 22.76
CA TYR B 300 -27.50 3.37 24.02
C TYR B 300 -28.91 3.86 24.15
N TYR B 301 -29.78 3.00 24.64
CA TYR B 301 -31.19 3.26 24.81
C TYR B 301 -31.61 2.86 26.24
N LYS B 302 -32.75 3.37 26.69
CA LYS B 302 -33.31 3.02 27.99
C LYS B 302 -33.55 1.52 28.10
N GLU B 303 -34.11 0.89 27.07
CA GLU B 303 -34.47 -0.52 27.05
C GLU B 303 -34.07 -1.10 25.72
N PRO B 304 -33.91 -2.45 25.63
CA PRO B 304 -33.75 -3.08 24.32
C PRO B 304 -35.11 -3.28 23.62
N PHE B 305 -35.70 -2.14 23.22
CA PHE B 305 -37.06 -2.07 22.71
C PHE B 305 -37.31 -3.01 21.54
N TRP B 306 -36.28 -3.26 20.72
CA TRP B 306 -36.39 -4.16 19.56
C TRP B 306 -36.89 -5.54 19.89
N ARG B 307 -36.48 -6.05 21.06
CA ARG B 307 -36.89 -7.41 21.47
C ARG B 307 -38.41 -7.53 21.66
N LYS B 308 -39.06 -6.43 22.07
CA LYS B 308 -40.52 -6.39 22.19
C LYS B 308 -41.23 -6.66 20.85
N LYS B 309 -40.61 -6.24 19.75
CA LYS B 309 -41.12 -6.45 18.40
C LYS B 309 -40.62 -7.76 17.82
N ASP B 310 -39.99 -8.59 18.67
CA ASP B 310 -39.42 -9.86 18.24
C ASP B 310 -38.23 -9.69 17.24
N TYR B 311 -37.44 -8.64 17.43
CA TYR B 311 -36.19 -8.47 16.71
C TYR B 311 -35.02 -8.63 17.70
N CYS B 312 -33.93 -9.24 17.26
CA CYS B 312 -32.83 -9.47 18.19
C CYS B 312 -31.83 -8.29 18.23
N GLY B 313 -31.90 -7.41 17.22
CA GLY B 313 -30.98 -6.26 17.11
C GLY B 313 -30.01 -6.41 15.96
N THR B 314 -29.95 -7.61 15.35
CA THR B 314 -29.14 -7.85 14.15
C THR B 314 -29.85 -7.29 12.92
N MET B 315 -29.21 -6.30 12.30
CA MET B 315 -29.67 -5.72 11.04
C MET B 315 -28.62 -5.92 9.97
N ILE B 316 -29.06 -6.49 8.85
CA ILE B 316 -28.23 -6.48 7.62
C ILE B 316 -28.78 -5.40 6.66
N ILE B 317 -28.02 -4.34 6.41
CA ILE B 317 -28.58 -3.16 5.72
C ILE B 317 -27.93 -2.81 4.38
N ASP B 318 -28.65 -3.11 3.30
CA ASP B 318 -28.13 -2.93 1.93
C ASP B 318 -28.13 -1.47 1.49
N GLY B 319 -27.15 -1.13 0.65
CA GLY B 319 -27.15 0.13 -0.09
C GLY B 319 -26.24 1.25 0.36
N GLU B 320 -25.95 2.16 -0.55
CA GLU B 320 -25.03 3.24 -0.31
C GLU B 320 -25.45 4.25 0.79
N GLU B 321 -26.75 4.52 0.90
CA GLU B 321 -27.22 5.60 1.74
C GLU B 321 -27.07 5.28 3.23
N ALA B 322 -27.05 4.00 3.60
CA ALA B 322 -26.98 3.59 5.00
C ALA B 322 -25.56 3.82 5.54
N PRO B 323 -25.41 4.62 6.62
CA PRO B 323 -24.10 4.80 7.27
C PRO B 323 -23.47 3.49 7.75
N VAL B 324 -24.31 2.57 8.18
CA VAL B 324 -23.94 1.31 8.81
C VAL B 324 -24.59 0.19 8.02
N ALA B 325 -23.84 -0.83 7.63
CA ALA B 325 -24.44 -1.94 6.92
C ALA B 325 -24.84 -3.12 7.81
N TYR B 326 -24.34 -3.13 9.06
CA TYR B 326 -24.50 -4.27 9.93
C TYR B 326 -24.54 -3.85 11.38
N THR B 327 -25.44 -4.47 12.14
CA THR B 327 -25.55 -4.19 13.55
C THR B 327 -25.74 -5.49 14.35
N LEU B 328 -25.51 -5.39 15.67
CA LEU B 328 -25.72 -6.45 16.62
C LEU B 328 -26.17 -5.77 17.91
N ASP B 329 -27.05 -6.44 18.62
CA ASP B 329 -27.41 -6.10 20.00
C ASP B 329 -26.15 -6.08 20.91
N ASP B 330 -25.90 -4.96 21.58
CA ASP B 330 -24.75 -4.79 22.46
C ASP B 330 -25.12 -4.64 23.95
N THR B 331 -26.38 -4.95 24.27
CA THR B 331 -26.91 -4.95 25.62
C THR B 331 -26.11 -5.93 26.49
N LYS B 332 -25.82 -5.53 27.73
CA LYS B 332 -25.14 -6.38 28.74
C LYS B 332 -25.96 -7.64 28.94
N PRO B 333 -25.31 -8.74 29.37
CA PRO B 333 -26.04 -9.99 29.64
C PRO B 333 -27.16 -9.87 30.68
N GLU B 334 -27.06 -8.91 31.58
CA GLU B 334 -28.09 -8.74 32.59
C GLU B 334 -29.34 -8.06 32.03
N GLY B 335 -29.34 -7.68 30.75
CA GLY B 335 -30.50 -7.02 30.13
C GLY B 335 -30.50 -5.51 30.22
N ASN B 336 -29.47 -4.92 30.83
CA ASN B 336 -29.35 -3.47 30.96
C ASN B 336 -28.22 -2.85 30.11
N TYR B 337 -28.06 -1.53 30.17
CA TYR B 337 -27.21 -0.80 29.21
C TYR B 337 -27.57 -1.21 27.76
N ALA B 338 -28.87 -1.26 27.47
CA ALA B 338 -29.37 -1.67 26.18
C ALA B 338 -28.67 -0.86 25.13
N ALA B 339 -28.22 -1.52 24.06
CA ALA B 339 -27.46 -0.81 22.99
C ALA B 339 -27.42 -1.57 21.68
N ILE B 340 -27.19 -0.85 20.59
CA ILE B 340 -27.02 -1.39 19.27
C ILE B 340 -25.64 -0.95 18.83
N MET B 341 -24.87 -1.94 18.38
CA MET B 341 -23.50 -1.77 17.91
C MET B 341 -23.57 -1.81 16.38
N GLY B 342 -22.89 -0.86 15.74
CA GLY B 342 -22.76 -0.91 14.30
C GLY B 342 -21.42 -0.42 13.85
N PHE B 343 -21.00 -0.85 12.68
CA PHE B 343 -19.73 -0.43 12.02
C PHE B 343 -19.96 0.51 10.83
N ILE B 344 -19.22 1.60 10.77
CA ILE B 344 -19.19 2.40 9.56
C ILE B 344 -17.92 2.00 8.81
N LEU B 345 -18.08 1.44 7.60
CA LEU B 345 -17.01 0.71 6.90
C LEU B 345 -16.36 1.43 5.71
N ALA B 346 -15.04 1.24 5.57
CA ALA B 346 -14.34 1.48 4.31
C ALA B 346 -14.63 2.91 3.88
N HIS B 347 -15.07 3.15 2.63
CA HIS B 347 -15.20 4.53 2.15
C HIS B 347 -16.19 5.36 2.96
N LYS B 348 -17.17 4.71 3.55
CA LYS B 348 -18.11 5.39 4.46
C LYS B 348 -17.47 5.87 5.72
N ALA B 349 -16.40 5.19 6.18
CA ALA B 349 -15.65 5.63 7.37
C ALA B 349 -14.94 6.91 7.01
N ARG B 350 -14.33 6.93 5.84
CA ARG B 350 -13.67 8.11 5.30
C ARG B 350 -14.63 9.28 5.15
N LYS B 351 -15.73 9.07 4.47
CA LYS B 351 -16.71 10.12 4.24
C LYS B 351 -17.34 10.67 5.52
N LEU B 352 -17.88 9.79 6.37
CA LEU B 352 -18.65 10.22 7.55
C LEU B 352 -17.81 10.73 8.73
N ALA B 353 -16.48 10.51 8.66
CA ALA B 353 -15.54 11.12 9.61
C ALA B 353 -15.54 12.64 9.55
N ARG B 354 -15.89 13.23 8.40
CA ARG B 354 -15.95 14.69 8.25
C ARG B 354 -17.03 15.30 9.16
N LEU B 355 -18.08 14.55 9.46
CA LEU B 355 -19.14 15.00 10.34
C LEU B 355 -18.67 15.11 11.81
N THR B 356 -19.47 15.76 12.64
CA THR B 356 -19.26 15.73 14.08
C THR B 356 -19.84 14.45 14.64
N LYS B 357 -19.43 14.09 15.84
CA LYS B 357 -19.99 12.98 16.59
C LYS B 357 -21.52 13.03 16.65
N GLU B 358 -22.07 14.21 16.90
CA GLU B 358 -23.51 14.36 17.10
C GLU B 358 -24.22 14.18 15.78
N GLU B 359 -23.61 14.63 14.67
CA GLU B 359 -24.15 14.35 13.34
C GLU B 359 -24.18 12.86 12.94
N ARG B 360 -23.13 12.12 13.26
CA ARG B 360 -23.15 10.69 13.06
C ARG B 360 -24.19 10.01 13.95
N LEU B 361 -24.35 10.49 15.18
CA LEU B 361 -25.33 9.89 16.08
C LEU B 361 -26.70 9.98 15.41
N LYS B 362 -27.04 11.18 14.96
CA LYS B 362 -28.33 11.43 14.33
C LYS B 362 -28.59 10.48 13.13
N LYS B 363 -27.60 10.33 12.25
CA LYS B 363 -27.78 9.52 11.06
C LYS B 363 -28.05 8.07 11.42
N LEU B 364 -27.42 7.62 12.51
CA LEU B 364 -27.50 6.25 12.96
C LEU B 364 -28.84 5.96 13.62
N CYS B 365 -29.30 6.87 14.47
CA CYS B 365 -30.66 6.76 15.06
C CYS B 365 -31.76 6.78 14.01
N GLU B 366 -31.67 7.71 13.05
CA GLU B 366 -32.64 7.73 11.95
C GLU B 366 -32.60 6.43 11.17
N LEU B 367 -31.41 5.92 10.87
CA LEU B 367 -31.31 4.66 10.16
C LEU B 367 -32.02 3.56 10.95
N TYR B 368 -31.70 3.46 12.24
CA TYR B 368 -32.22 2.35 13.06
C TYR B 368 -33.71 2.49 13.28
N ALA B 369 -34.20 3.73 13.34
CA ALA B 369 -35.65 3.98 13.41
C ALA B 369 -36.37 3.39 12.19
N LYS B 370 -35.78 3.59 11.01
CA LYS B 370 -36.34 3.03 9.76
C LYS B 370 -36.34 1.50 9.75
N VAL B 371 -35.19 0.92 10.04
CA VAL B 371 -34.99 -0.53 9.91
C VAL B 371 -35.77 -1.33 10.98
N LEU B 372 -35.74 -0.82 12.20
CA LEU B 372 -36.50 -1.39 13.26
C LEU B 372 -37.97 -0.98 13.23
N GLY B 373 -38.32 0.10 12.53
CA GLY B 373 -39.71 0.56 12.49
C GLY B 373 -40.13 0.96 13.88
N SER B 374 -39.34 1.85 14.48
CA SER B 374 -39.54 2.31 15.85
C SER B 374 -39.10 3.74 16.08
N LEU B 375 -40.02 4.56 16.58
CA LEU B 375 -39.61 5.88 17.00
C LEU B 375 -38.67 5.82 18.20
N GLU B 376 -38.70 4.73 18.95
CA GLU B 376 -37.82 4.61 20.10
C GLU B 376 -36.33 4.74 19.79
N ALA B 377 -35.95 4.37 18.55
CA ALA B 377 -34.55 4.50 18.07
C ALA B 377 -34.05 5.92 18.00
N LEU B 378 -34.99 6.87 18.01
CA LEU B 378 -34.67 8.29 17.88
C LEU B 378 -34.39 8.92 19.27
N GLU B 379 -34.54 8.11 20.32
CA GLU B 379 -34.36 8.58 21.70
C GLU B 379 -33.17 7.91 22.43
N PRO B 380 -31.94 8.12 21.92
CA PRO B 380 -30.75 7.50 22.49
C PRO B 380 -30.41 8.16 23.82
N VAL B 381 -29.90 7.39 24.79
CA VAL B 381 -29.53 7.94 26.11
C VAL B 381 -28.02 8.20 26.22
N HIS B 382 -27.24 7.60 25.32
CA HIS B 382 -25.79 7.73 25.30
C HIS B 382 -25.22 7.25 23.95
N TYR B 383 -23.98 7.64 23.65
CA TYR B 383 -23.28 7.29 22.41
C TYR B 383 -21.78 7.24 22.65
N GLU B 384 -21.18 6.12 22.26
CA GLU B 384 -19.72 5.99 22.20
C GLU B 384 -19.34 5.55 20.79
N GLU B 385 -18.22 6.03 20.30
CA GLU B 385 -17.75 5.65 19.00
C GLU B 385 -16.22 5.73 18.98
N LYS B 386 -15.56 4.95 18.12
CA LYS B 386 -14.13 5.10 17.88
C LYS B 386 -13.77 4.88 16.42
N ASN B 387 -13.12 5.88 15.87
CA ASN B 387 -12.58 5.85 14.53
C ASN B 387 -11.15 5.36 14.52
N TRP B 388 -10.91 4.14 14.04
CA TRP B 388 -9.57 3.58 14.16
C TRP B 388 -8.60 4.09 13.08
N CYS B 389 -9.13 4.77 12.07
CA CYS B 389 -8.32 5.31 11.00
C CYS B 389 -7.38 6.35 11.52
N GLU B 390 -7.71 6.97 12.64
CA GLU B 390 -6.90 8.06 13.16
C GLU B 390 -5.75 7.59 14.07
N GLU B 391 -5.62 6.29 14.28
CA GLU B 391 -4.65 5.68 15.20
C GLU B 391 -3.25 5.51 14.63
N GLN B 392 -2.33 6.39 15.03
CA GLN B 392 -0.91 6.26 14.67
C GLN B 392 -0.33 4.87 14.92
N TYR B 393 -0.71 4.21 16.02
CA TYR B 393 -0.05 2.92 16.36
C TYR B 393 -0.90 1.67 16.08
N SER B 394 -2.01 1.86 15.35
CA SER B 394 -2.76 0.80 14.71
C SER B 394 -2.68 0.93 13.20
N GLY B 395 -3.00 2.12 12.66
CA GLY B 395 -3.04 2.36 11.20
C GLY B 395 -4.41 2.07 10.58
N GLY B 396 -5.31 1.48 11.38
CA GLY B 396 -6.70 1.15 11.00
C GLY B 396 -7.16 -0.11 11.70
N CYS B 397 -8.30 -0.64 11.26
CA CYS B 397 -8.86 -1.86 11.80
C CYS B 397 -9.78 -2.46 10.75
N TYR B 398 -10.16 -3.73 10.87
CA TYR B 398 -9.72 -4.62 11.93
C TYR B 398 -8.31 -5.10 11.69
N THR B 399 -7.91 -5.17 10.42
CA THR B 399 -6.65 -5.82 10.10
C THR B 399 -6.08 -5.36 8.77
N THR B 400 -4.95 -6.00 8.43
CA THR B 400 -4.18 -5.72 7.24
C THR B 400 -4.80 -6.43 6.04
N TYR B 401 -5.03 -5.67 4.98
CA TYR B 401 -5.48 -6.25 3.73
C TYR B 401 -4.37 -6.15 2.69
N PHE B 402 -4.44 -7.01 1.67
CA PHE B 402 -3.46 -7.10 0.60
C PHE B 402 -4.14 -6.68 -0.73
N PRO B 403 -3.68 -5.58 -1.34
CA PRO B 403 -4.08 -5.16 -2.68
C PRO B 403 -3.64 -6.19 -3.72
N PRO B 404 -4.20 -6.08 -4.98
CA PRO B 404 -3.84 -7.08 -6.00
C PRO B 404 -2.33 -7.18 -6.24
N GLY B 405 -1.82 -8.39 -6.40
CA GLY B 405 -0.41 -8.56 -6.72
C GLY B 405 0.55 -8.76 -5.56
N ILE B 406 0.18 -8.30 -4.35
CA ILE B 406 1.10 -8.31 -3.19
C ILE B 406 1.24 -9.66 -2.48
N LEU B 407 0.16 -10.38 -2.26
CA LEU B 407 0.29 -11.57 -1.45
C LEU B 407 1.20 -12.62 -2.12
N THR B 408 1.13 -12.73 -3.44
CA THR B 408 1.95 -13.71 -4.13
C THR B 408 3.40 -13.24 -4.17
N GLN B 409 3.65 -11.94 -4.28
CA GLN B 409 5.03 -11.48 -4.38
C GLN B 409 5.72 -11.37 -3.00
N TYR B 410 4.95 -11.05 -1.97
CA TYR B 410 5.52 -10.73 -0.66
C TYR B 410 4.94 -11.56 0.50
N GLY B 411 3.96 -12.42 0.24
CA GLY B 411 3.31 -13.17 1.31
C GLY B 411 4.30 -13.97 2.15
N ARG B 412 5.31 -14.58 1.50
CA ARG B 412 6.24 -15.50 2.16
C ARG B 412 6.98 -14.80 3.28
N VAL B 413 7.14 -13.50 3.09
CA VAL B 413 8.01 -12.64 3.88
C VAL B 413 7.39 -12.31 5.22
N LEU B 414 6.06 -12.45 5.34
CA LEU B 414 5.37 -11.96 6.53
C LEU B 414 5.99 -12.45 7.86
N ARG B 415 6.16 -13.76 8.01
CA ARG B 415 6.64 -14.25 9.28
C ARG B 415 8.04 -14.87 9.23
N GLN B 416 8.72 -14.67 8.11
CA GLN B 416 10.14 -15.01 8.02
C GLN B 416 10.98 -14.20 9.00
N PRO B 417 11.77 -14.88 9.88
CA PRO B 417 12.62 -14.15 10.84
C PRO B 417 13.67 -13.34 10.13
N VAL B 418 13.97 -12.16 10.66
CA VAL B 418 15.07 -11.34 10.15
C VAL B 418 16.21 -11.38 11.21
N ASP B 419 17.15 -12.34 11.02
CA ASP B 419 18.24 -12.61 11.99
C ASP B 419 17.67 -13.00 13.36
N ARG B 420 17.67 -12.08 14.31
CA ARG B 420 17.05 -12.37 15.61
C ARG B 420 15.67 -11.70 15.87
N ILE B 421 15.05 -11.12 14.84
CA ILE B 421 13.69 -10.61 14.95
C ILE B 421 12.71 -11.69 14.45
N TYR B 422 11.78 -12.09 15.32
CA TYR B 422 10.68 -12.98 14.96
C TYR B 422 9.36 -12.18 14.93
N PHE B 423 8.38 -12.65 14.17
CA PHE B 423 7.16 -11.85 13.89
C PHE B 423 5.91 -12.49 14.41
N ALA B 424 5.26 -11.81 15.36
CA ALA B 424 3.94 -12.25 15.83
C ALA B 424 2.90 -11.29 15.19
N GLY B 425 1.81 -11.01 15.89
CA GLY B 425 0.80 -10.09 15.38
C GLY B 425 -0.21 -10.91 14.60
N THR B 426 -1.47 -10.52 14.67
CA THR B 426 -2.52 -11.36 14.13
C THR B 426 -2.38 -11.63 12.64
N GLU B 427 -1.72 -10.70 11.92
CA GLU B 427 -1.48 -10.82 10.49
C GLU B 427 -0.63 -12.04 10.11
N THR B 428 0.15 -12.56 11.06
CA THR B 428 1.02 -13.73 10.76
C THR B 428 0.40 -15.10 11.10
N ALA B 429 -0.86 -15.08 11.56
CA ALA B 429 -1.57 -16.31 11.93
C ALA B 429 -2.08 -17.11 10.72
N THR B 430 -2.48 -18.37 10.96
CA THR B 430 -2.99 -19.24 9.90
C THR B 430 -4.43 -19.75 10.18
N HIS B 431 -4.98 -19.37 11.33
CA HIS B 431 -6.36 -19.69 11.69
C HIS B 431 -6.91 -18.48 12.47
N TRP B 432 -7.92 -17.82 11.88
CA TRP B 432 -8.51 -16.60 12.41
C TRP B 432 -7.50 -15.47 12.51
N SER B 433 -6.56 -15.39 11.56
CA SER B 433 -5.76 -14.14 11.32
C SER B 433 -6.71 -12.95 11.14
N GLY B 434 -6.33 -11.79 11.64
CA GLY B 434 -7.24 -10.67 11.64
C GLY B 434 -8.06 -10.53 12.91
N TYR B 435 -8.18 -11.63 13.66
CA TYR B 435 -8.93 -11.68 14.95
C TYR B 435 -8.03 -11.78 16.21
N MET B 436 -8.65 -11.61 17.37
CA MET B 436 -8.00 -11.84 18.67
C MET B 436 -7.43 -13.23 18.75
N GLU B 437 -8.17 -14.22 18.30
CA GLU B 437 -7.69 -15.59 18.14
C GLU B 437 -6.33 -15.74 17.44
N GLY B 438 -6.22 -15.19 16.23
CA GLY B 438 -4.97 -15.26 15.48
C GLY B 438 -3.84 -14.51 16.15
N ALA B 439 -4.17 -13.43 16.86
CA ALA B 439 -3.20 -12.69 17.68
C ALA B 439 -2.52 -13.62 18.73
N VAL B 440 -3.31 -14.45 19.40
CA VAL B 440 -2.78 -15.39 20.38
C VAL B 440 -1.93 -16.47 19.69
N GLU B 441 -2.48 -17.09 18.65
CA GLU B 441 -1.78 -18.10 17.84
C GLU B 441 -0.42 -17.60 17.40
N ALA B 442 -0.37 -16.42 16.80
CA ALA B 442 0.87 -15.86 16.29
C ALA B 442 1.89 -15.46 17.36
N GLY B 443 1.39 -15.03 18.53
CA GLY B 443 2.28 -14.59 19.61
C GLY B 443 2.94 -15.79 20.29
N GLU B 444 2.14 -16.83 20.52
CA GLU B 444 2.62 -18.06 21.09
C GLU B 444 3.53 -18.83 20.14
N ARG B 445 3.32 -18.73 18.81
CA ARG B 445 4.17 -19.42 17.84
C ARG B 445 5.53 -18.74 17.76
N ALA B 446 5.53 -17.43 17.72
CA ALA B 446 6.75 -16.68 17.65
C ALA B 446 7.57 -16.91 18.92
N ALA B 447 6.93 -16.90 20.07
CA ALA B 447 7.60 -17.20 21.35
C ALA B 447 8.30 -18.56 21.28
N ARG B 448 7.57 -19.57 20.83
CA ARG B 448 8.12 -20.90 20.63
C ARG B 448 9.21 -20.98 19.56
N GLU B 449 9.20 -20.09 18.57
CA GLU B 449 10.27 -20.08 17.60
C GLU B 449 11.56 -19.68 18.27
N ILE B 450 11.51 -18.65 19.11
CA ILE B 450 12.64 -18.23 19.93
C ILE B 450 13.05 -19.32 20.92
N LEU B 451 12.09 -19.90 21.63
CA LEU B 451 12.37 -21.10 22.44
C LEU B 451 13.14 -22.19 21.66
N HIS B 452 12.73 -22.47 20.42
CA HIS B 452 13.46 -23.41 19.56
C HIS B 452 14.88 -22.93 19.22
N ALA B 453 15.00 -21.68 18.77
CA ALA B 453 16.31 -21.08 18.49
C ALA B 453 17.25 -21.19 19.71
N MET B 454 16.67 -21.29 20.91
CA MET B 454 17.44 -21.40 22.14
C MET B 454 17.71 -22.85 22.56
N GLY B 455 17.21 -23.81 21.79
CA GLY B 455 17.39 -25.22 22.09
C GLY B 455 16.44 -25.82 23.13
N LYS B 456 15.55 -25.02 23.71
CA LYS B 456 14.64 -25.50 24.74
C LYS B 456 13.55 -26.45 24.28
N ILE B 457 13.17 -26.39 23.00
CA ILE B 457 12.09 -27.24 22.48
C ILE B 457 12.44 -27.72 21.09
N PRO B 458 11.96 -28.90 20.70
CA PRO B 458 12.26 -29.35 19.34
C PRO B 458 11.46 -28.56 18.29
N GLU B 459 11.85 -28.69 17.01
CA GLU B 459 11.15 -28.05 15.91
C GLU B 459 9.67 -28.41 15.89
N ASP B 460 9.34 -29.67 16.10
CA ASP B 460 7.95 -30.13 16.06
C ASP B 460 7.01 -29.42 17.08
N GLU B 461 7.56 -28.79 18.11
CA GLU B 461 6.77 -28.06 19.09
C GLU B 461 6.50 -26.57 18.79
N ILE B 462 7.02 -26.03 17.69
CA ILE B 462 6.84 -24.61 17.36
C ILE B 462 5.36 -24.30 17.07
N TRP B 463 4.76 -25.11 16.21
CA TRP B 463 3.35 -25.02 15.92
C TRP B 463 2.62 -26.06 16.73
N GLN B 464 1.66 -25.61 17.51
CA GLN B 464 1.03 -26.47 18.49
C GLN B 464 -0.49 -26.39 18.44
N SER B 465 -1.17 -27.53 18.42
CA SER B 465 -2.61 -27.51 18.30
C SER B 465 -3.26 -27.07 19.62
N GLU B 466 -4.57 -26.84 19.60
CA GLU B 466 -5.29 -26.32 20.77
C GLU B 466 -6.55 -27.15 21.04
N PRO B 467 -6.70 -27.67 22.28
CA PRO B 467 -7.89 -28.42 22.69
C PRO B 467 -9.19 -27.60 22.55
N GLU B 468 -10.25 -28.23 22.04
CA GLU B 468 -11.55 -27.57 21.92
C GLU B 468 -12.09 -27.08 23.27
N SER B 469 -12.44 -25.80 23.35
CA SER B 469 -13.10 -25.25 24.53
C SER B 469 -14.34 -26.05 24.94
N VAL B 470 -14.46 -26.33 26.23
CA VAL B 470 -15.61 -27.08 26.74
C VAL B 470 -16.78 -26.16 26.98
N ASP B 471 -16.50 -24.89 27.28
CA ASP B 471 -17.54 -23.87 27.46
C ASP B 471 -18.17 -23.40 26.13
N VAL B 472 -17.35 -23.34 25.09
CA VAL B 472 -17.79 -22.91 23.76
C VAL B 472 -17.45 -23.99 22.70
N PRO B 473 -18.19 -25.11 22.71
CA PRO B 473 -17.95 -26.12 21.69
C PRO B 473 -18.46 -25.75 20.29
N ALA B 474 -17.82 -26.31 19.27
CA ALA B 474 -18.18 -26.11 17.88
C ALA B 474 -19.09 -27.21 17.35
N GLN B 475 -20.23 -26.82 16.81
CA GLN B 475 -21.04 -27.70 15.98
C GLN B 475 -20.45 -27.63 14.57
N PRO B 476 -20.56 -28.72 13.81
CA PRO B 476 -19.92 -28.72 12.49
C PRO B 476 -20.76 -27.95 11.45
N ILE B 477 -20.11 -27.50 10.38
CA ILE B 477 -20.81 -26.77 9.31
C ILE B 477 -21.46 -27.74 8.30
N THR B 478 -22.78 -27.63 8.17
CA THR B 478 -23.56 -28.51 7.30
C THR B 478 -24.15 -27.77 6.08
N THR B 479 -24.26 -28.51 4.99
CA THR B 479 -24.94 -28.04 3.78
C THR B 479 -25.96 -29.08 3.38
N THR B 480 -27.13 -28.61 2.92
CA THR B 480 -28.19 -29.46 2.37
C THR B 480 -27.80 -30.04 1.01
N PHE B 481 -28.61 -30.96 0.48
CA PHE B 481 -28.27 -31.61 -0.80
C PHE B 481 -28.46 -30.66 -1.99
N LEU B 482 -29.54 -29.89 -1.95
CA LEU B 482 -29.80 -28.87 -2.97
C LEU B 482 -28.72 -27.80 -3.05
N GLU B 483 -28.41 -27.15 -1.94
CA GLU B 483 -27.30 -26.20 -1.85
C GLU B 483 -26.05 -26.72 -2.54
N ARG B 484 -25.73 -27.99 -2.37
CA ARG B 484 -24.48 -28.55 -2.88
C ARG B 484 -24.57 -28.73 -4.40
N HIS B 485 -25.78 -28.98 -4.89
CA HIS B 485 -25.97 -29.48 -6.26
C HIS B 485 -26.82 -28.62 -7.19
N LEU B 486 -27.55 -27.64 -6.68
CA LEU B 486 -28.27 -26.75 -7.56
C LEU B 486 -27.27 -26.07 -8.48
N PRO B 487 -27.66 -25.85 -9.75
CA PRO B 487 -26.75 -25.20 -10.67
C PRO B 487 -26.60 -23.68 -10.44
N SER B 488 -25.54 -23.12 -11.00
CA SER B 488 -25.37 -21.68 -11.10
C SER B 488 -26.31 -21.08 -12.13
N VAL B 489 -26.37 -19.75 -12.23
CA VAL B 489 -27.19 -19.13 -13.29
C VAL B 489 -26.69 -19.46 -14.72
N PRO B 490 -25.36 -19.32 -15.01
CA PRO B 490 -24.88 -19.83 -16.30
C PRO B 490 -24.93 -21.38 -16.44
N GLY B 491 -24.88 -22.11 -15.32
CA GLY B 491 -25.00 -23.56 -15.36
C GLY B 491 -26.40 -23.96 -15.78
N LEU B 492 -27.40 -23.15 -15.41
CA LEU B 492 -28.79 -23.38 -15.73
C LEU B 492 -29.05 -22.99 -17.16
N LEU B 493 -28.49 -21.87 -17.59
CA LEU B 493 -28.53 -21.47 -19.00
C LEU B 493 -27.96 -22.53 -19.95
N ARG B 494 -26.79 -23.08 -19.62
CA ARG B 494 -26.17 -24.16 -20.37
C ARG B 494 -27.01 -25.44 -20.37
N LEU B 495 -27.88 -25.59 -19.38
CA LEU B 495 -28.71 -26.78 -19.29
C LEU B 495 -29.92 -26.59 -20.18
N ILE B 496 -30.58 -25.44 -20.05
CA ILE B 496 -31.75 -25.12 -20.89
C ILE B 496 -31.56 -25.49 -22.38
PA FAD C . 14.45 11.65 -3.01
O1A FAD C . 14.09 10.25 -2.66
O2A FAD C . 15.39 11.79 -4.25
O5B FAD C . 15.03 12.42 -1.73
C5B FAD C . 14.55 12.19 -0.43
C4B FAD C . 15.71 12.25 0.55
O4B FAD C . 15.19 12.07 1.85
C3B FAD C . 16.69 11.10 0.32
O3B FAD C . 17.99 11.62 0.21
C2B FAD C . 16.59 10.26 1.57
O2B FAD C . 17.90 9.80 1.88
C1B FAD C . 16.03 11.21 2.61
N9A FAD C . 15.22 10.67 3.72
C8A FAD C . 14.28 9.66 3.73
N7A FAD C . 13.76 9.53 4.98
C5A FAD C . 14.37 10.44 5.80
C6A FAD C . 14.22 10.75 7.16
N6A FAD C . 13.36 10.06 7.98
N1A FAD C . 15.01 11.78 7.65
C2A FAD C . 15.91 12.48 6.87
N3A FAD C . 16.02 12.16 5.54
C4A FAD C . 15.26 11.17 5.01
N1 FAD C . 13.91 10.90 -12.73
C2 FAD C . 14.24 11.62 -13.87
O2 FAD C . 13.91 12.82 -13.95
N3 FAD C . 14.94 11.03 -14.94
C4 FAD C . 15.31 9.71 -14.85
O4 FAD C . 15.94 9.14 -15.75
C4X FAD C . 14.97 8.96 -13.73
N5 FAD C . 15.31 7.61 -13.66
C5X FAD C . 15.12 6.88 -12.52
C6 FAD C . 15.75 5.64 -12.41
C7 FAD C . 15.98 5.09 -11.15
C7M FAD C . 16.67 3.73 -11.08
C8 FAD C . 15.60 5.82 -10.00
C8M FAD C . 15.83 5.31 -8.59
C9 FAD C . 14.98 7.06 -10.13
C9A FAD C . 14.72 7.59 -11.38
N10 FAD C . 14.03 8.79 -11.54
C10 FAD C . 14.30 9.57 -12.65
C1' FAD C . 13.35 9.42 -10.38
C2' FAD C . 14.16 10.56 -9.81
O2' FAD C . 15.38 10.01 -9.42
C3' FAD C . 13.42 11.04 -8.57
O3' FAD C . 12.17 11.53 -9.00
C4' FAD C . 14.03 12.25 -7.89
O4' FAD C . 15.37 12.00 -7.52
C5' FAD C . 13.15 12.55 -6.69
O5' FAD C . 13.86 13.32 -5.77
P FAD C . 13.16 13.79 -4.37
O1P FAD C . 13.93 14.92 -3.74
O2P FAD C . 11.73 14.26 -4.77
O3P FAD C . 13.17 12.64 -3.47
PA FAD D . -2.34 -4.85 17.96
O1A FAD D . -2.46 -3.70 17.07
O2A FAD D . -3.59 -5.25 18.82
O5B FAD D . -1.10 -4.56 18.96
C5B FAD D . 0.12 -3.99 18.53
C4B FAD D . 0.57 -3.11 19.66
O4B FAD D . 1.78 -2.51 19.28
C3B FAD D . -0.34 -1.95 19.94
O3B FAD D . -0.59 -1.91 21.34
C2B FAD D . 0.42 -0.71 19.50
O2B FAD D . 0.21 0.33 20.37
C1B FAD D . 1.85 -1.16 19.63
N9A FAD D . 2.83 -0.53 18.72
C8A FAD D . 2.74 -0.14 17.41
N7A FAD D . 3.89 0.37 16.97
C5A FAD D . 4.78 0.31 17.99
C6A FAD D . 6.13 0.69 18.14
N6A FAD D . 6.80 1.42 17.22
N1A FAD D . 6.73 0.45 19.35
C2A FAD D . 6.06 -0.07 20.43
N3A FAD D . 4.76 -0.43 20.28
C4A FAD D . 4.11 -0.26 19.09
N1 FAD D . -11.04 -9.34 16.48
C2 FAD D . -11.84 -10.31 17.07
O2 FAD D . -11.34 -11.36 17.39
N3 FAD D . -13.21 -10.09 17.29
C4 FAD D . -13.78 -8.87 16.92
O4 FAD D . -15.00 -8.63 17.12
C4X FAD D . -12.98 -7.90 16.30
N5 FAD D . -13.56 -6.68 15.88
C5X FAD D . -12.73 -5.60 15.53
C6 FAD D . -13.27 -4.33 15.51
C7 FAD D . -12.48 -3.19 15.54
C7M FAD D . -13.23 -1.86 15.47
C8 FAD D . -11.07 -3.33 15.63
C8M FAD D . -10.11 -2.17 15.68
C9 FAD D . -10.50 -4.63 15.66
C9A FAD D . -11.33 -5.78 15.63
N10 FAD D . -10.84 -7.09 15.54
C10 FAD D . -11.62 -8.13 16.07
C1' FAD D . -9.36 -7.30 15.37
C2' FAD D . -8.65 -7.53 16.70
O2' FAD D . -8.89 -6.49 17.62
C3' FAD D . -7.16 -7.61 16.36
O3' FAD D . -6.94 -8.69 15.47
C4' FAD D . -6.25 -7.88 17.54
O4' FAD D . -6.44 -6.90 18.51
C5' FAD D . -4.86 -7.83 17.01
O5' FAD D . -3.92 -7.99 18.05
P FAD D . -2.35 -7.77 17.76
O1P FAD D . -1.62 -8.03 19.04
O2P FAD D . -1.92 -8.74 16.65
O3P FAD D . -2.08 -6.39 17.34
C13 MA0 E . -14.19 -6.71 14.75
C12 MA0 E . -14.98 -7.71 14.34
C11 MA0 E . -16.01 -7.65 13.30
N10 MA0 E . -16.75 -8.65 12.98
C9 MA0 E . -17.73 -8.48 11.89
C1 MA0 E . -19.16 -8.45 12.45
C2 MA0 E . -20.03 -9.23 11.49
C3 MA0 E . -19.08 -9.81 10.49
C8 MA0 E . -17.82 -9.55 10.83
C7 MA0 E . -16.79 -10.01 10.12
C4 MA0 E . -19.43 -10.70 9.53
C5 MA0 E . -18.41 -11.15 8.76
C6 MA0 E . -17.10 -11.00 9.22
O6 MA0 E . -16.11 -11.82 8.79
C10 MA0 E . -16.61 -9.73 13.61
#